data_3BLB
#
_entry.id   3BLB
#
_cell.length_a   68.767
_cell.length_b   109.662
_cell.length_c   138.900
_cell.angle_alpha   90.000
_cell.angle_beta   90.000
_cell.angle_gamma   90.000
#
_symmetry.space_group_name_H-M   'P 21 21 21'
#
loop_
_entity.id
_entity.type
_entity.pdbx_description
1 polymer 'Alpha-mannosidase 2'
2 non-polymer 2-acetamido-2-deoxy-beta-D-glucopyranose
3 non-polymer 'ZINC ION'
4 non-polymer 1S-8AB-OCTAHYDRO-INDOLIZIDINE-1A,2A,8B-TRIOL
5 non-polymer (4R)-2-METHYLPENTANE-2,4-DIOL
6 water water
#
_entity_poly.entity_id   1
_entity_poly.type   'polypeptide(L)'
_entity_poly.pdbx_seq_one_letter_code
;RSSHHHHHHGEFDDPIRPPLKVARSPRPGQCQDVVQDVPNVDVQMLELYDRMSFKDIDGGVWKQGWNIKYDPLKYNAHHK
LKVFVVPHSHNDPGWIQTFEEYYQHDTKHILSNALRHLHDNPEMKFIWAEISYFARFYHDLGENKKLQMKSIVKNGQLEF
VTGGWVMPDEANSHWRNVLLQLTEGQTWLKQFMNVTPTASWAIDPFGHSPTMPYILQKSGFKNMLIQRTHYSVKKELAQQ
RQLEFLWRQIWDNKGDTALFTHMMPFYSYDIPHTCGPDPKVCCQFDFKRMGSFGLSCPWKVPPRTISDQNVAARSDLLVD
QWKKKAELYRTNVLLIPLGDDFRFKQNTEWDVQRVNYERLFEHINSQAHFNVQAQFGTLQEYFDAVHQAERAGQAEFPTL
SGDFFTYADRSDNYWSGYYTSRPYHKRMDRVLMHYVRAAEMLSAWHSWDGMARIEERLEQARRELSLFQHHDGITGTAKT
HVVVDYEQRMQEALKACQMVMQQSVYRLLTKPSIYSPDFSFSYFTLDDSRWPGSGVEDSRTTIILGEDILPSKHVVMHNT
LPHWREQLVDFYVSSPFVSVTDLANNPVEAQVSPVWSWHHDTLTKTIHPQGSTTKYRIIFKARVPPMGLATYVLTISDSK
PEHTSYASNLLLRKNPTSLPLGQYPEDVKFGDPREISLRVGNGPTLAFSEQGLLKSIQLTQDSPHVPVHFKFLKYGVRSH
GDRSGAYLFLPNGPASPVELGQPVVLVTKGKLESSVSVGLPSVVHQTIMRGGAPEIRNLVDIGSLDNTEIVMRLETHIDS
GDIFYTDLNGLQFIKRRRLDKLPLQANYYPIPSGMFIEDANTRLTLLTGQPLGGSSLASGELEIMQDRRLASDDERGLGQ
GVLDNKPVLHIYRLVLEKVNNCVRPSKLHPAGYLTSAAHKASQSLLDPLDKFIFAENEWIGAQGQFGGDHPSAREDLDVS
VMRRLTKSSAKTQRVGYVLHRTNLMQCGTPEEHTQKLDVCHLLPNVARCERTTLTFLQNLEHLDGMVAPEVCPMETAAYV
SSHSS
;
_entity_poly.pdbx_strand_id   A
#
loop_
_chem_comp.id
_chem_comp.type
_chem_comp.name
_chem_comp.formula
MRD non-polymer (4R)-2-METHYLPENTANE-2,4-DIOL 'C6 H14 O2'
NAG D-saccharide, beta linking 2-acetamido-2-deoxy-beta-D-glucopyranose 'C8 H15 N O6'
SWA non-polymer 1S-8AB-OCTAHYDRO-INDOLIZIDINE-1A,2A,8B-TRIOL 'C8 H15 N O3'
ZN non-polymer 'ZINC ION' 'Zn 2'
#
# COMPACT_ATOMS: atom_id res chain seq x y z
N CYS A 31 22.02 -15.64 10.44
CA CYS A 31 20.64 -15.14 10.20
C CYS A 31 19.66 -15.97 10.99
N GLN A 32 18.62 -15.35 11.54
CA GLN A 32 17.55 -16.08 12.23
C GLN A 32 16.78 -16.91 11.17
N ASP A 33 16.32 -18.08 11.59
CA ASP A 33 15.52 -18.96 10.71
C ASP A 33 14.08 -18.45 10.89
N VAL A 34 13.47 -18.03 9.80
CA VAL A 34 12.11 -17.45 9.85
C VAL A 34 11.00 -18.46 9.57
N VAL A 35 11.39 -19.73 9.39
CA VAL A 35 10.43 -20.80 9.08
C VAL A 35 10.16 -21.83 10.14
N GLN A 36 11.24 -22.28 10.77
CA GLN A 36 11.19 -23.47 11.64
C GLN A 36 11.09 -23.31 13.11
N ASP A 37 11.18 -22.10 13.62
CA ASP A 37 11.14 -21.81 15.04
C ASP A 37 9.89 -20.94 15.33
N VAL A 38 8.89 -21.49 15.98
CA VAL A 38 7.69 -20.70 16.33
C VAL A 38 8.02 -19.76 17.50
N PRO A 39 7.89 -18.43 17.32
CA PRO A 39 8.20 -17.53 18.43
C PRO A 39 7.32 -17.73 19.61
N ASN A 40 7.94 -17.61 20.81
CA ASN A 40 7.15 -17.70 22.02
C ASN A 40 6.78 -16.26 22.47
N VAL A 41 5.51 -15.91 22.36
CA VAL A 41 5.08 -14.54 22.68
C VAL A 41 3.91 -14.62 23.65
N ASP A 42 3.71 -13.59 24.47
CA ASP A 42 2.60 -13.62 25.37
C ASP A 42 1.25 -13.55 24.72
N VAL A 43 1.17 -12.74 23.64
CA VAL A 43 -0.08 -12.59 22.89
C VAL A 43 0.23 -12.79 21.40
N GLN A 44 -0.40 -13.80 20.81
CA GLN A 44 -0.27 -14.09 19.37
C GLN A 44 -1.68 -13.88 18.83
N MET A 45 -1.88 -12.88 17.95
CA MET A 45 -3.26 -12.52 17.59
C MET A 45 -4.13 -13.59 16.95
N LEU A 46 -3.52 -14.47 16.18
CA LEU A 46 -4.34 -15.56 15.57
C LEU A 46 -4.84 -16.51 16.67
N GLU A 47 -3.97 -16.77 17.67
CA GLU A 47 -4.34 -17.67 18.78
C GLU A 47 -5.38 -16.96 19.60
N LEU A 48 -5.21 -15.66 19.86
CA LEU A 48 -6.20 -14.91 20.62
C LEU A 48 -7.56 -14.94 19.93
N TYR A 49 -7.56 -14.73 18.63
CA TYR A 49 -8.78 -14.75 17.83
C TYR A 49 -9.51 -16.08 17.96
N ASP A 50 -8.77 -17.17 17.99
CA ASP A 50 -9.36 -18.52 18.06
C ASP A 50 -10.07 -18.73 19.40
N ARG A 51 -9.55 -18.12 20.47
CA ARG A 51 -10.11 -18.28 21.84
C ARG A 51 -11.19 -17.26 22.20
N MET A 52 -11.12 -16.04 21.68
CA MET A 52 -12.11 -15.00 22.02
C MET A 52 -13.52 -15.26 21.58
N SER A 53 -14.51 -14.78 22.35
CA SER A 53 -15.91 -14.99 21.96
C SER A 53 -16.57 -13.85 21.17
N PHE A 54 -15.97 -12.68 21.23
CA PHE A 54 -16.46 -11.52 20.50
C PHE A 54 -17.87 -11.12 20.83
N LYS A 55 -18.34 -11.41 22.05
CA LYS A 55 -19.73 -11.00 22.35
C LYS A 55 -19.85 -9.51 22.52
N ASP A 56 -20.86 -8.92 21.91
CA ASP A 56 -21.09 -7.51 21.97
C ASP A 56 -22.07 -7.15 23.12
N ILE A 57 -21.58 -7.22 24.35
CA ILE A 57 -22.46 -6.94 25.47
C ILE A 57 -22.36 -5.50 25.91
N ASP A 58 -23.46 -4.97 26.43
CA ASP A 58 -23.52 -3.62 26.94
C ASP A 58 -22.74 -3.56 28.24
N GLY A 59 -21.61 -2.89 28.23
CA GLY A 59 -20.77 -2.79 29.41
C GLY A 59 -21.12 -1.65 30.35
N GLY A 60 -22.15 -0.88 30.05
CA GLY A 60 -22.46 0.25 30.91
C GLY A 60 -21.97 1.53 30.24
N VAL A 61 -21.51 2.51 31.01
CA VAL A 61 -21.07 3.78 30.42
C VAL A 61 -19.88 3.51 29.46
N TRP A 62 -19.01 2.59 29.80
CA TRP A 62 -18.05 2.11 28.84
C TRP A 62 -18.77 1.03 28.03
N LYS A 63 -19.40 1.43 26.93
CA LYS A 63 -20.33 0.50 26.26
C LYS A 63 -19.74 -0.79 25.83
N GLN A 64 -18.45 -0.79 25.46
CA GLN A 64 -17.81 -2.01 25.00
C GLN A 64 -16.80 -2.60 25.95
N GLY A 65 -16.88 -2.14 27.22
CA GLY A 65 -16.00 -2.62 28.28
C GLY A 65 -16.79 -3.12 29.51
N TRP A 66 -16.44 -2.59 30.66
CA TRP A 66 -17.08 -2.99 31.94
C TRP A 66 -16.91 -1.78 32.87
N ASN A 67 -17.58 -1.83 34.05
CA ASN A 67 -17.49 -0.76 35.04
C ASN A 67 -16.17 -0.92 35.79
N ILE A 68 -15.20 -0.07 35.45
CA ILE A 68 -13.88 -0.21 36.05
C ILE A 68 -13.87 0.20 37.53
N LYS A 69 -13.18 -0.60 38.32
CA LYS A 69 -13.05 -0.29 39.76
C LYS A 69 -11.58 -0.10 40.07
N TYR A 70 -11.27 0.78 41.05
CA TYR A 70 -9.88 0.95 41.45
C TYR A 70 -9.86 1.12 42.99
N ASP A 71 -8.72 0.85 43.56
CA ASP A 71 -8.51 1.00 44.99
C ASP A 71 -7.93 2.39 45.21
N PRO A 72 -8.68 3.29 45.90
CA PRO A 72 -8.16 4.64 46.11
C PRO A 72 -6.80 4.71 46.81
N LEU A 73 -6.45 3.65 47.54
CA LEU A 73 -5.17 3.61 48.22
C LEU A 73 -3.96 3.22 47.34
N LYS A 74 -4.21 2.91 46.05
CA LYS A 74 -3.10 2.54 45.20
C LYS A 74 -2.07 3.67 45.03
N TYR A 75 -2.56 4.89 44.98
CA TYR A 75 -1.70 6.06 44.82
C TYR A 75 -1.65 6.78 46.17
N ASN A 76 -0.46 7.19 46.57
CA ASN A 76 -0.25 7.82 47.89
C ASN A 76 0.91 8.79 47.75
N ALA A 77 1.30 9.42 48.85
CA ALA A 77 2.38 10.41 48.76
C ALA A 77 3.65 9.93 48.12
N HIS A 78 3.96 8.65 48.28
CA HIS A 78 5.20 8.16 47.70
C HIS A 78 5.03 7.42 46.39
N HIS A 79 3.83 7.46 45.84
CA HIS A 79 3.59 6.81 44.58
C HIS A 79 2.43 7.53 43.91
N LYS A 80 2.71 8.61 43.21
CA LYS A 80 1.62 9.40 42.64
C LYS A 80 1.32 8.94 41.21
N LEU A 81 0.13 9.28 40.73
CA LEU A 81 -0.20 9.07 39.33
C LEU A 81 0.20 10.31 38.53
N LYS A 82 1.11 10.11 37.60
CA LYS A 82 1.58 11.20 36.76
C LYS A 82 0.76 11.22 35.48
N VAL A 83 0.08 12.34 35.22
CA VAL A 83 -0.84 12.43 34.09
C VAL A 83 -0.31 13.42 33.09
N PHE A 84 -0.19 12.99 31.82
CA PHE A 84 0.24 13.90 30.74
C PHE A 84 -0.93 14.15 29.81
N VAL A 85 -1.40 15.38 29.75
CA VAL A 85 -2.48 15.80 28.85
C VAL A 85 -1.77 16.33 27.61
N VAL A 86 -2.07 15.66 26.47
CA VAL A 86 -1.32 15.93 25.23
C VAL A 86 -2.22 16.56 24.19
N PRO A 87 -2.17 17.87 23.99
CA PRO A 87 -3.03 18.52 23.00
C PRO A 87 -2.63 18.11 21.59
N HIS A 88 -3.62 17.90 20.74
CA HIS A 88 -3.39 17.48 19.36
C HIS A 88 -4.51 17.93 18.43
N SER A 89 -4.28 17.86 17.13
CA SER A 89 -5.25 18.28 16.12
C SER A 89 -5.11 17.31 14.93
N HIS A 90 -6.14 16.51 14.66
CA HIS A 90 -6.02 15.54 13.57
C HIS A 90 -6.37 16.23 12.23
N ASN A 91 -5.39 16.34 11.34
CA ASN A 91 -5.55 17.11 10.08
C ASN A 91 -5.42 16.21 8.86
N ASP A 92 -6.54 15.88 8.25
CA ASP A 92 -6.49 14.99 7.08
C ASP A 92 -6.05 15.67 5.83
N PRO A 93 -5.04 15.15 5.12
CA PRO A 93 -4.58 15.74 3.83
C PRO A 93 -5.55 15.32 2.73
N GLY A 94 -6.81 15.78 2.85
CA GLY A 94 -7.91 15.45 1.96
C GLY A 94 -8.85 14.43 2.64
N TRP A 95 -10.16 14.69 2.52
CA TRP A 95 -11.18 13.77 2.97
C TRP A 95 -12.52 14.33 2.42
N ILE A 96 -13.16 15.24 3.14
CA ILE A 96 -14.37 15.94 2.69
C ILE A 96 -14.04 17.17 1.86
N GLN A 97 -12.84 17.69 2.05
CA GLN A 97 -12.27 18.78 1.25
C GLN A 97 -10.93 18.32 0.68
N THR A 98 -10.39 18.98 -0.35
CA THR A 98 -9.06 18.62 -0.83
C THR A 98 -8.00 19.10 0.17
N PHE A 99 -6.78 18.63 -0.04
CA PHE A 99 -5.62 19.14 0.68
C PHE A 99 -5.60 20.66 0.69
N GLU A 100 -5.67 21.29 -0.48
CA GLU A 100 -5.52 22.73 -0.52
C GLU A 100 -6.71 23.44 0.09
N GLU A 101 -7.90 22.90 -0.04
CA GLU A 101 -9.07 23.52 0.57
C GLU A 101 -8.93 23.46 2.07
N TYR A 102 -8.57 22.32 2.64
CA TYR A 102 -8.42 22.24 4.08
C TYR A 102 -7.30 23.18 4.54
N TYR A 103 -6.23 23.26 3.77
CA TYR A 103 -5.12 24.10 4.18
C TYR A 103 -5.60 25.55 4.29
N GLN A 104 -6.34 26.01 3.28
CA GLN A 104 -6.77 27.42 3.28
C GLN A 104 -7.82 27.67 4.32
N HIS A 105 -8.75 26.73 4.57
CA HIS A 105 -9.88 26.99 5.46
C HIS A 105 -9.60 26.70 6.89
N ASP A 106 -8.71 25.73 7.15
CA ASP A 106 -8.46 25.26 8.49
C ASP A 106 -7.02 25.18 8.93
N THR A 107 -6.20 24.39 8.22
CA THR A 107 -4.88 24.05 8.75
C THR A 107 -3.94 25.24 8.85
N LYS A 108 -3.99 26.14 7.90
CA LYS A 108 -3.08 27.28 8.06
C LYS A 108 -3.40 28.13 9.29
N HIS A 109 -4.67 28.17 9.66
CA HIS A 109 -5.08 28.89 10.87
C HIS A 109 -4.70 28.14 12.10
N ILE A 110 -4.84 26.80 12.11
CA ILE A 110 -4.41 26.02 13.25
C ILE A 110 -2.91 26.20 13.51
N LEU A 111 -2.10 26.12 12.48
CA LEU A 111 -0.65 26.23 12.67
C LEU A 111 -0.23 27.66 13.03
N SER A 112 -0.86 28.65 12.43
CA SER A 112 -0.59 30.03 12.82
C SER A 112 -0.93 30.32 14.27
N ASN A 113 -2.09 29.82 14.71
CA ASN A 113 -2.48 30.05 16.09
C ASN A 113 -1.71 29.19 17.03
N ALA A 114 -1.26 27.99 16.61
CA ALA A 114 -0.40 27.19 17.49
C ALA A 114 0.90 27.94 17.69
N LEU A 115 1.48 28.49 16.62
CA LEU A 115 2.73 29.21 16.77
C LEU A 115 2.57 30.40 17.76
N ARG A 116 1.49 31.18 17.58
CA ARG A 116 1.28 32.31 18.47
C ARG A 116 1.02 31.86 19.92
N HIS A 117 0.14 30.88 20.12
CA HIS A 117 -0.23 30.45 21.47
C HIS A 117 0.92 29.78 22.22
N LEU A 118 1.69 28.92 21.55
CA LEU A 118 2.80 28.26 22.20
C LEU A 118 3.88 29.32 22.46
N HIS A 119 4.14 30.21 21.51
CA HIS A 119 5.15 31.28 21.76
C HIS A 119 4.78 32.07 23.03
N ASP A 120 3.51 32.42 23.15
CA ASP A 120 3.09 33.26 24.29
C ASP A 120 2.84 32.55 25.60
N ASN A 121 2.75 31.22 25.62
CA ASN A 121 2.39 30.44 26.82
C ASN A 121 3.39 29.30 26.89
N PRO A 122 4.54 29.54 27.51
CA PRO A 122 5.61 28.55 27.59
C PRO A 122 5.34 27.19 28.10
N GLU A 123 4.32 27.07 28.94
CA GLU A 123 3.94 25.79 29.49
C GLU A 123 2.99 24.91 28.59
N MET A 124 2.42 25.55 27.57
CA MET A 124 1.51 24.83 26.69
C MET A 124 2.35 23.94 25.75
N LYS A 125 1.73 22.82 25.33
CA LYS A 125 2.36 21.83 24.47
C LYS A 125 1.43 21.46 23.35
N PHE A 126 1.96 20.87 22.30
CA PHE A 126 1.14 20.47 21.12
C PHE A 126 1.93 19.44 20.32
N ILE A 127 1.25 18.43 19.79
CA ILE A 127 1.96 17.47 18.91
C ILE A 127 1.37 17.62 17.48
N TRP A 128 2.22 17.30 16.50
CA TRP A 128 1.86 17.44 15.06
C TRP A 128 2.36 16.22 14.30
N ALA A 129 1.46 15.67 13.49
CA ALA A 129 1.82 14.46 12.72
C ALA A 129 2.02 14.62 11.21
N GLU A 130 1.24 15.46 10.54
CA GLU A 130 1.20 15.43 9.07
C GLU A 130 2.17 16.46 8.44
N ILE A 131 3.32 16.00 7.96
CA ILE A 131 4.32 16.94 7.50
C ILE A 131 3.95 17.54 6.15
N SER A 132 3.12 16.92 5.33
CA SER A 132 2.68 17.57 4.10
C SER A 132 2.09 18.97 4.43
N TYR A 133 1.24 19.05 5.44
CA TYR A 133 0.70 20.36 5.82
C TYR A 133 1.75 21.23 6.45
N PHE A 134 2.59 20.69 7.34
CA PHE A 134 3.54 21.54 8.06
C PHE A 134 4.51 22.18 7.06
N ALA A 135 5.00 21.40 6.10
CA ALA A 135 5.88 21.92 5.05
C ALA A 135 5.17 23.00 4.19
N ARG A 136 3.91 22.79 3.87
CA ARG A 136 3.11 23.77 3.06
C ARG A 136 2.98 25.08 3.87
N PHE A 137 2.91 25.01 5.19
CA PHE A 137 2.78 26.19 6.06
C PHE A 137 4.11 26.89 6.24
N TYR A 138 5.13 26.13 6.63
CA TYR A 138 6.44 26.66 6.96
C TYR A 138 7.05 27.39 5.78
N HIS A 139 6.93 26.84 4.59
CA HIS A 139 7.53 27.51 3.46
C HIS A 139 6.87 28.86 3.17
N ASP A 140 5.62 29.08 3.58
CA ASP A 140 4.93 30.36 3.38
C ASP A 140 5.16 31.38 4.52
N LEU A 141 5.84 30.97 5.58
CA LEU A 141 6.12 31.86 6.69
C LEU A 141 7.27 32.80 6.41
N GLY A 142 7.16 34.02 6.94
CA GLY A 142 8.28 34.93 6.85
C GLY A 142 9.39 34.42 7.80
N GLU A 143 10.60 34.92 7.59
CA GLU A 143 11.77 34.50 8.36
C GLU A 143 11.60 34.71 9.86
N ASN A 144 11.01 35.80 10.29
CA ASN A 144 10.85 36.02 11.73
C ASN A 144 10.05 34.88 12.37
N LYS A 145 8.95 34.51 11.72
CA LYS A 145 8.09 33.44 12.20
C LYS A 145 8.73 32.06 12.05
N LYS A 146 9.52 31.85 10.98
CA LYS A 146 10.24 30.57 10.84
C LYS A 146 11.13 30.40 12.05
N LEU A 147 11.84 31.47 12.46
CA LEU A 147 12.72 31.41 13.62
C LEU A 147 11.91 31.18 14.91
N GLN A 148 10.76 31.81 15.06
CA GLN A 148 9.93 31.52 16.21
C GLN A 148 9.48 30.05 16.26
N MET A 149 9.12 29.50 15.11
CA MET A 149 8.68 28.11 15.01
C MET A 149 9.83 27.17 15.38
N LYS A 150 11.02 27.44 14.84
CA LYS A 150 12.14 26.58 15.15
C LYS A 150 12.41 26.58 16.68
N SER A 151 12.20 27.73 17.33
CA SER A 151 12.45 27.85 18.75
C SER A 151 11.44 27.04 19.60
N ILE A 152 10.15 27.04 19.24
CA ILE A 152 9.20 26.26 20.01
C ILE A 152 9.35 24.75 19.76
N VAL A 153 9.97 24.36 18.63
CA VAL A 153 10.29 22.94 18.41
C VAL A 153 11.54 22.60 19.21
N LYS A 154 12.55 23.46 19.14
CA LYS A 154 13.80 23.20 19.84
C LYS A 154 13.61 23.07 21.35
N ASN A 155 12.71 23.84 21.93
CA ASN A 155 12.52 23.88 23.38
C ASN A 155 11.42 22.93 23.88
N GLY A 156 10.87 22.15 22.99
CA GLY A 156 10.06 21.01 23.38
C GLY A 156 8.56 21.27 23.46
N GLN A 157 8.14 22.49 23.13
CA GLN A 157 6.73 22.86 23.20
C GLN A 157 5.94 22.20 22.07
N LEU A 158 6.37 22.36 20.83
CA LEU A 158 5.76 21.69 19.66
C LEU A 158 6.62 20.49 19.31
N GLU A 159 5.99 19.33 19.35
CA GLU A 159 6.70 18.08 19.11
C GLU A 159 6.10 17.33 17.92
N PHE A 160 6.96 16.84 17.03
CA PHE A 160 6.51 16.10 15.86
C PHE A 160 6.43 14.60 16.14
N VAL A 161 5.27 14.02 15.82
CA VAL A 161 5.02 12.61 16.11
C VAL A 161 4.93 11.93 14.73
N THR A 162 5.62 10.79 14.64
CA THR A 162 5.89 10.06 13.38
C THR A 162 6.72 10.86 12.38
N GLY A 163 6.18 11.97 11.90
CA GLY A 163 6.96 12.81 10.99
C GLY A 163 6.85 12.35 9.54
N GLY A 164 5.85 11.51 9.26
CA GLY A 164 5.62 11.17 7.84
C GLY A 164 4.91 12.26 7.07
N TRP A 165 4.94 12.20 5.73
CA TRP A 165 4.18 13.16 4.91
C TRP A 165 2.72 13.10 5.30
N VAL A 166 2.22 11.91 5.60
CA VAL A 166 0.84 11.67 6.02
C VAL A 166 0.79 10.68 7.20
N MET A 167 -0.39 10.39 7.68
CA MET A 167 -0.61 9.25 8.55
C MET A 167 -1.28 8.18 7.69
N PRO A 168 -0.51 7.21 7.21
CA PRO A 168 -0.96 6.39 6.09
C PRO A 168 -1.99 5.33 6.49
N ASP A 169 -2.79 4.94 5.52
CA ASP A 169 -3.53 3.69 5.60
C ASP A 169 -2.49 2.58 5.85
N GLU A 170 -2.92 1.55 6.58
CA GLU A 170 -2.03 0.43 6.87
C GLU A 170 -2.54 -0.87 6.21
N ALA A 171 -3.69 -0.84 5.57
CA ALA A 171 -4.23 -2.09 4.96
C ALA A 171 -3.86 -2.23 3.49
N ASN A 172 -4.05 -1.16 2.71
CA ASN A 172 -3.84 -1.24 1.23
C ASN A 172 -2.48 -0.78 0.80
N SER A 173 -1.79 -0.02 1.63
CA SER A 173 -0.53 0.55 1.26
C SER A 173 0.56 -0.48 1.09
N HIS A 174 1.42 -0.28 0.10
CA HIS A 174 2.59 -1.14 -0.05
C HIS A 174 3.70 -0.63 0.91
N TRP A 175 4.45 -1.53 1.53
CA TRP A 175 5.50 -1.11 2.46
C TRP A 175 6.45 -0.13 1.80
N ARG A 176 6.72 -0.29 0.51
CA ARG A 176 7.65 0.61 -0.18
C ARG A 176 7.13 2.05 -0.12
N ASN A 177 5.81 2.22 -0.24
CA ASN A 177 5.25 3.57 -0.20
C ASN A 177 5.06 4.08 1.22
N VAL A 178 4.88 3.19 2.17
CA VAL A 178 4.85 3.63 3.57
C VAL A 178 6.26 4.17 3.89
N LEU A 179 7.30 3.50 3.45
CA LEU A 179 8.65 4.00 3.69
C LEU A 179 8.90 5.30 2.90
N LEU A 180 8.39 5.39 1.65
CA LEU A 180 8.60 6.59 0.85
C LEU A 180 8.00 7.79 1.59
N GLN A 181 6.76 7.68 2.09
CA GLN A 181 6.15 8.86 2.69
C GLN A 181 6.78 9.20 4.04
N LEU A 182 7.23 8.18 4.79
CA LEU A 182 7.92 8.44 6.03
C LEU A 182 9.19 9.19 5.75
N THR A 183 9.91 8.77 4.73
CA THR A 183 11.20 9.38 4.40
C THR A 183 10.96 10.79 3.90
N GLU A 184 9.89 11.04 3.13
CA GLU A 184 9.65 12.41 2.63
C GLU A 184 9.42 13.36 3.79
N GLY A 185 8.61 12.99 4.76
CA GLY A 185 8.38 13.88 5.88
C GLY A 185 9.58 14.01 6.79
N GLN A 186 10.28 12.90 7.07
CA GLN A 186 11.41 12.99 8.02
C GLN A 186 12.57 13.72 7.39
N THR A 187 12.80 13.58 6.07
CA THR A 187 13.90 14.30 5.44
C THR A 187 13.59 15.79 5.52
N TRP A 188 12.36 16.20 5.29
CA TRP A 188 11.99 17.60 5.46
C TRP A 188 12.24 18.08 6.90
N LEU A 189 11.80 17.30 7.88
CA LEU A 189 12.02 17.67 9.26
C LEU A 189 13.49 17.80 9.63
N LYS A 190 14.34 16.90 9.14
CA LYS A 190 15.75 16.98 9.50
C LYS A 190 16.34 18.26 8.88
N GLN A 191 16.05 18.54 7.61
CA GLN A 191 16.58 19.72 6.94
C GLN A 191 16.13 21.04 7.58
N PHE A 192 14.83 21.19 7.83
CA PHE A 192 14.32 22.47 8.28
C PHE A 192 14.10 22.63 9.77
N MET A 193 13.85 21.54 10.48
CA MET A 193 13.56 21.63 11.91
C MET A 193 14.66 21.02 12.77
N ASN A 194 15.60 20.32 12.15
CA ASN A 194 16.67 19.62 12.85
C ASN A 194 16.19 18.61 13.92
N VAL A 195 15.12 17.88 13.61
CA VAL A 195 14.59 16.85 14.51
C VAL A 195 14.20 15.63 13.72
N THR A 196 14.26 14.48 14.37
CA THR A 196 13.82 13.18 13.79
C THR A 196 12.96 12.50 14.88
N PRO A 197 11.65 12.42 14.69
CA PRO A 197 10.80 11.79 15.69
C PRO A 197 11.16 10.36 15.93
N THR A 198 11.04 9.91 17.18
CA THR A 198 11.27 8.51 17.52
C THR A 198 10.01 7.88 18.11
N ALA A 199 8.92 8.65 18.19
CA ALA A 199 7.62 8.15 18.63
C ALA A 199 6.60 8.37 17.51
N SER A 200 5.82 7.33 17.24
CA SER A 200 4.79 7.38 16.19
C SER A 200 3.40 7.48 16.78
N TRP A 201 2.51 8.16 16.05
CA TRP A 201 1.12 8.45 16.45
C TRP A 201 0.21 8.09 15.28
N ALA A 202 -0.57 7.05 15.42
CA ALA A 202 -1.50 6.60 14.34
C ALA A 202 -2.88 6.37 14.96
N ILE A 203 -3.66 7.46 15.03
CA ILE A 203 -4.96 7.43 15.72
C ILE A 203 -6.15 7.16 14.84
N ASP A 204 -5.97 7.24 13.51
CA ASP A 204 -7.13 7.08 12.61
C ASP A 204 -7.12 5.96 11.54
N PRO A 205 -5.99 5.34 11.16
CA PRO A 205 -6.08 4.26 10.12
C PRO A 205 -7.04 3.17 10.60
N PHE A 206 -7.69 2.50 9.63
CA PHE A 206 -8.84 1.64 10.02
C PHE A 206 -8.35 0.19 10.21
N GLY A 207 -7.73 -0.02 11.37
CA GLY A 207 -7.04 -1.26 11.65
C GLY A 207 -5.53 -0.99 11.46
N HIS A 208 -4.70 -1.86 12.04
CA HIS A 208 -3.23 -1.66 12.07
C HIS A 208 -2.41 -2.86 11.69
N SER A 209 -1.29 -2.60 11.01
CA SER A 209 -0.42 -3.62 10.47
C SER A 209 0.94 -3.67 11.14
N PRO A 210 1.50 -4.86 11.35
CA PRO A 210 2.85 -4.97 11.94
C PRO A 210 3.92 -4.45 10.96
N THR A 211 3.55 -4.16 9.69
CA THR A 211 4.54 -3.55 8.80
C THR A 211 4.99 -2.19 9.37
N MET A 212 4.11 -1.49 10.13
CA MET A 212 4.51 -0.21 10.70
C MET A 212 5.66 -0.35 11.73
N PRO A 213 5.54 -1.18 12.79
CA PRO A 213 6.70 -1.27 13.69
C PRO A 213 7.91 -1.83 12.95
N TYR A 214 7.72 -2.70 11.96
CA TYR A 214 8.85 -3.18 11.16
C TYR A 214 9.66 -2.04 10.57
N ILE A 215 8.99 -1.16 9.83
CA ILE A 215 9.68 -0.03 9.22
C ILE A 215 10.17 0.97 10.27
N LEU A 216 9.32 1.27 11.25
CA LEU A 216 9.69 2.30 12.26
C LEU A 216 10.91 1.85 13.07
N GLN A 217 10.95 0.60 13.48
CA GLN A 217 12.10 0.16 14.30
C GLN A 217 13.38 0.20 13.50
N LYS A 218 13.32 0.03 12.17
CA LYS A 218 14.49 0.11 11.30
C LYS A 218 14.79 1.58 10.86
N SER A 219 14.00 2.51 11.38
CA SER A 219 14.11 3.95 11.09
C SER A 219 14.36 4.75 12.37
N GLY A 220 14.89 4.08 13.39
CA GLY A 220 15.24 4.76 14.65
C GLY A 220 14.17 4.92 15.68
N PHE A 221 12.95 4.44 15.45
CA PHE A 221 11.90 4.66 16.43
C PHE A 221 12.08 3.81 17.64
N LYS A 222 11.49 4.28 18.73
CA LYS A 222 11.51 3.58 20.03
C LYS A 222 10.12 3.31 20.55
N ASN A 223 9.10 3.99 20.04
CA ASN A 223 7.74 3.83 20.59
C ASN A 223 6.72 4.13 19.51
N MET A 224 5.53 3.54 19.64
CA MET A 224 4.41 3.87 18.73
C MET A 224 3.07 3.72 19.45
N LEU A 225 2.09 4.44 18.91
CA LEU A 225 0.74 4.42 19.46
C LEU A 225 -0.26 4.14 18.35
N ILE A 226 -1.24 3.31 18.68
CA ILE A 226 -2.33 2.96 17.75
C ILE A 226 -3.67 3.10 18.43
N GLN A 227 -4.73 3.17 17.65
CA GLN A 227 -6.07 3.39 18.22
C GLN A 227 -7.17 2.49 17.63
N ARG A 228 -7.30 2.35 16.31
CA ARG A 228 -8.44 1.65 15.79
C ARG A 228 -8.24 0.17 15.67
N THR A 229 -8.55 -0.52 16.77
CA THR A 229 -8.51 -1.99 16.82
C THR A 229 -9.91 -2.41 17.25
N HIS A 230 -10.27 -3.64 16.89
CA HIS A 230 -11.60 -4.18 17.18
C HIS A 230 -11.97 -3.98 18.65
N TYR A 231 -13.21 -3.55 18.88
CA TYR A 231 -13.62 -3.29 20.26
C TYR A 231 -13.46 -4.54 21.12
N SER A 232 -13.63 -5.73 20.59
CA SER A 232 -13.48 -6.94 21.44
C SER A 232 -12.05 -7.14 21.82
N VAL A 233 -11.12 -6.77 20.93
CA VAL A 233 -9.69 -6.84 21.21
C VAL A 233 -9.32 -5.82 22.33
N LYS A 234 -9.79 -4.59 22.24
CA LYS A 234 -9.53 -3.62 23.33
C LYS A 234 -10.03 -4.19 24.67
N LYS A 235 -11.21 -4.79 24.71
CA LYS A 235 -11.73 -5.32 25.97
C LYS A 235 -10.85 -6.45 26.50
N GLU A 236 -10.46 -7.37 25.65
CA GLU A 236 -9.64 -8.50 26.04
C GLU A 236 -8.29 -8.09 26.56
N LEU A 237 -7.59 -7.25 25.81
CA LEU A 237 -6.28 -6.80 26.22
C LEU A 237 -6.41 -5.89 27.46
N ALA A 238 -7.44 -5.08 27.57
CA ALA A 238 -7.57 -4.20 28.75
C ALA A 238 -7.71 -5.06 30.02
N GLN A 239 -8.44 -6.14 29.95
CA GLN A 239 -8.64 -6.99 31.16
C GLN A 239 -7.34 -7.58 31.66
N GLN A 240 -6.40 -7.83 30.75
CA GLN A 240 -5.10 -8.40 31.09
C GLN A 240 -4.01 -7.35 31.26
N ARG A 241 -4.37 -6.08 31.13
CA ARG A 241 -3.39 -4.97 31.09
C ARG A 241 -2.32 -5.25 30.07
N GLN A 242 -2.79 -5.60 28.84
CA GLN A 242 -1.88 -5.92 27.71
C GLN A 242 -2.05 -4.90 26.59
N LEU A 243 -2.52 -3.69 26.95
CA LEU A 243 -2.65 -2.61 25.95
C LEU A 243 -1.31 -1.98 25.61
N GLU A 244 -0.28 -2.19 26.41
CA GLU A 244 1.07 -1.76 26.05
C GLU A 244 1.83 -3.05 25.91
N PHE A 245 2.57 -3.19 24.80
CA PHE A 245 3.25 -4.44 24.50
C PHE A 245 4.44 -4.22 23.59
N LEU A 246 5.35 -5.18 23.55
CA LEU A 246 6.50 -5.13 22.67
C LEU A 246 6.08 -5.89 21.41
N TRP A 247 5.80 -5.13 20.34
CA TRP A 247 5.24 -5.71 19.13
C TRP A 247 6.36 -6.16 18.23
N ARG A 248 6.48 -7.50 18.06
CA ARG A 248 7.49 -8.07 17.19
C ARG A 248 6.84 -8.72 15.96
N GLN A 249 7.63 -8.96 14.94
CA GLN A 249 7.15 -9.64 13.74
C GLN A 249 6.79 -11.10 14.00
N ILE A 250 5.86 -11.61 13.21
CA ILE A 250 5.32 -12.94 13.45
C ILE A 250 6.37 -14.05 13.35
N TRP A 251 7.45 -13.80 12.61
CA TRP A 251 8.47 -14.86 12.44
C TRP A 251 9.69 -14.63 13.32
N ASP A 252 9.67 -13.57 14.12
CA ASP A 252 10.85 -13.19 14.92
C ASP A 252 11.00 -13.89 16.24
N ASN A 253 11.84 -14.91 16.22
CA ASN A 253 12.08 -15.74 17.37
C ASN A 253 12.83 -15.01 18.49
N LYS A 254 13.80 -14.21 18.11
CA LYS A 254 14.64 -13.55 19.13
C LYS A 254 14.03 -12.30 19.71
N GLY A 255 13.30 -11.55 18.88
CA GLY A 255 12.68 -10.34 19.37
C GLY A 255 13.42 -9.08 18.93
N ASP A 256 14.39 -9.14 18.02
CA ASP A 256 15.10 -7.92 17.62
C ASP A 256 14.27 -6.88 16.84
N THR A 257 13.13 -7.30 16.30
CA THR A 257 12.25 -6.37 15.60
C THR A 257 11.28 -5.65 16.55
N ALA A 258 11.27 -6.02 17.84
CA ALA A 258 10.27 -5.47 18.74
C ALA A 258 10.24 -3.98 18.91
N LEU A 259 9.03 -3.41 18.93
CA LEU A 259 8.86 -1.96 19.17
C LEU A 259 7.76 -1.80 20.20
N PHE A 260 8.04 -0.98 21.23
CA PHE A 260 7.04 -0.72 22.25
C PHE A 260 5.85 -0.02 21.67
N THR A 261 4.67 -0.56 21.96
CA THR A 261 3.45 -0.06 21.37
C THR A 261 2.40 0.21 22.46
N HIS A 262 1.71 1.34 22.35
CA HIS A 262 0.61 1.68 23.22
C HIS A 262 -0.69 1.67 22.40
N MET A 263 -1.62 0.80 22.72
CA MET A 263 -2.92 0.78 22.13
C MET A 263 -3.89 1.59 23.05
N MET A 264 -4.57 2.59 22.51
CA MET A 264 -5.54 3.32 23.30
C MET A 264 -6.76 2.42 23.55
N PRO A 265 -7.47 2.62 24.66
CA PRO A 265 -8.45 1.61 25.10
C PRO A 265 -9.89 1.80 24.62
N PHE A 266 -10.24 2.98 24.14
CA PHE A 266 -11.61 3.33 23.93
C PHE A 266 -12.04 3.47 22.49
N TYR A 267 -13.26 3.94 22.26
CA TYR A 267 -13.91 3.83 20.96
C TYR A 267 -13.38 4.86 19.96
N SER A 268 -12.86 5.98 20.46
CA SER A 268 -12.39 7.05 19.56
C SER A 268 -11.22 7.78 20.19
N TYR A 269 -10.53 8.60 19.40
CA TYR A 269 -9.50 9.49 19.91
C TYR A 269 -10.02 10.85 20.32
N ASP A 270 -11.31 11.09 20.17
CA ASP A 270 -11.89 12.40 20.56
C ASP A 270 -11.89 12.54 22.12
N ILE A 271 -12.15 13.78 22.56
CA ILE A 271 -12.06 14.05 24.00
C ILE A 271 -13.02 13.19 24.83
N PRO A 272 -14.26 12.98 24.36
CA PRO A 272 -15.17 12.12 25.14
C PRO A 272 -14.67 10.72 25.34
N HIS A 273 -13.77 10.25 24.48
CA HIS A 273 -13.28 8.88 24.57
C HIS A 273 -11.80 8.77 24.92
N THR A 274 -11.25 9.84 25.49
CA THR A 274 -9.83 9.79 25.84
C THR A 274 -9.56 10.16 27.30
N CYS A 275 -10.52 10.71 28.03
CA CYS A 275 -10.26 11.02 29.44
C CYS A 275 -10.43 9.85 30.41
N GLY A 276 -11.21 8.85 30.00
CA GLY A 276 -11.66 7.76 30.85
C GLY A 276 -12.78 7.01 30.19
N PRO A 277 -13.36 6.02 30.90
CA PRO A 277 -14.42 5.17 30.35
C PRO A 277 -15.79 5.73 30.12
N ASP A 278 -16.11 6.85 30.72
CA ASP A 278 -17.48 7.38 30.58
C ASP A 278 -17.52 8.63 29.72
N PRO A 279 -17.98 8.50 28.47
CA PRO A 279 -18.01 9.70 27.61
C PRO A 279 -18.89 10.82 28.06
N LYS A 280 -19.95 10.51 28.83
CA LYS A 280 -20.85 11.57 29.29
C LYS A 280 -20.06 12.46 30.26
N VAL A 281 -19.10 11.89 30.98
CA VAL A 281 -18.27 12.71 31.85
C VAL A 281 -17.16 13.42 31.05
N CYS A 282 -16.40 12.62 30.26
CA CYS A 282 -15.28 13.20 29.52
C CYS A 282 -15.69 14.33 28.59
N CYS A 283 -16.90 14.25 27.99
CA CYS A 283 -17.35 15.30 27.14
C CYS A 283 -17.42 16.67 27.82
N GLN A 284 -17.63 16.65 29.16
CA GLN A 284 -17.70 17.88 29.92
C GLN A 284 -16.34 18.52 30.11
N PHE A 285 -15.27 17.87 29.63
CA PHE A 285 -13.94 18.41 29.71
C PHE A 285 -13.37 18.73 28.32
N ASP A 286 -14.28 18.84 27.36
CA ASP A 286 -13.93 19.34 26.02
C ASP A 286 -14.51 20.76 26.04
N PHE A 287 -13.69 21.77 26.35
CA PHE A 287 -14.24 23.09 26.57
C PHE A 287 -14.65 23.81 25.34
N LYS A 288 -14.46 23.20 24.16
CA LYS A 288 -14.97 23.78 22.93
C LYS A 288 -16.46 23.45 22.75
N ARG A 289 -17.09 22.66 23.66
CA ARG A 289 -18.48 22.26 23.44
C ARG A 289 -19.54 23.02 24.31
N MET A 290 -19.29 24.29 24.66
CA MET A 290 -20.26 25.04 25.51
C MET A 290 -21.32 25.81 24.72
N GLY A 291 -21.15 25.88 23.37
CA GLY A 291 -22.14 26.51 22.51
C GLY A 291 -21.70 27.49 21.40
N SER A 292 -20.86 28.46 21.76
CA SER A 292 -20.41 29.47 20.80
C SER A 292 -19.60 28.96 19.61
N PHE A 293 -19.05 27.74 19.71
CA PHE A 293 -18.31 27.10 18.63
C PHE A 293 -19.18 26.16 17.82
N GLY A 294 -20.48 26.12 18.12
CA GLY A 294 -21.34 25.21 17.34
C GLY A 294 -21.18 23.71 17.62
N LEU A 295 -20.62 23.37 18.77
CA LEU A 295 -20.45 21.99 19.16
C LEU A 295 -21.18 21.77 20.49
N SER A 296 -21.58 20.53 20.75
CA SER A 296 -22.29 20.20 21.97
C SER A 296 -21.95 18.77 22.33
N CYS A 297 -22.45 18.32 23.50
CA CYS A 297 -22.23 16.94 23.98
C CYS A 297 -23.47 16.09 23.69
N PRO A 298 -23.33 15.01 22.93
CA PRO A 298 -24.54 14.22 22.67
C PRO A 298 -25.09 13.50 23.89
N TRP A 299 -24.30 13.38 24.96
CA TRP A 299 -24.77 12.74 26.20
C TRP A 299 -25.56 13.75 27.04
N LYS A 300 -25.73 14.93 26.49
CA LYS A 300 -26.61 15.97 27.07
C LYS A 300 -26.19 16.68 28.34
N VAL A 301 -24.93 16.56 28.73
CA VAL A 301 -24.43 17.29 29.86
C VAL A 301 -23.28 18.13 29.25
N PRO A 302 -23.37 19.45 29.29
CA PRO A 302 -22.32 20.25 28.70
C PRO A 302 -21.15 20.56 29.60
N PRO A 303 -20.03 20.97 29.00
CA PRO A 303 -18.92 21.36 29.84
C PRO A 303 -19.35 22.68 30.52
N ARG A 304 -18.75 22.96 31.67
CA ARG A 304 -18.97 24.22 32.35
C ARG A 304 -17.62 24.81 32.65
N THR A 305 -17.52 26.12 32.50
CA THR A 305 -16.28 26.85 32.78
C THR A 305 -15.81 26.55 34.19
N ILE A 306 -14.53 26.28 34.39
CA ILE A 306 -13.99 25.97 35.73
C ILE A 306 -13.86 27.26 36.51
N SER A 307 -14.35 27.21 37.76
CA SER A 307 -14.30 28.37 38.68
C SER A 307 -13.82 27.88 40.05
N ASP A 308 -13.50 28.83 40.94
CA ASP A 308 -13.12 28.35 42.26
C ASP A 308 -14.28 27.64 42.99
N GLN A 309 -15.53 27.89 42.59
CA GLN A 309 -16.69 27.27 43.25
C GLN A 309 -17.00 25.87 42.76
N ASN A 310 -16.58 25.54 41.53
CA ASN A 310 -16.86 24.20 41.02
C ASN A 310 -15.61 23.37 40.78
N VAL A 311 -14.42 23.93 41.00
CA VAL A 311 -13.23 23.18 40.64
C VAL A 311 -13.06 21.89 41.43
N ALA A 312 -13.44 21.87 42.70
CA ALA A 312 -13.32 20.64 43.49
C ALA A 312 -14.19 19.52 42.94
N ALA A 313 -15.46 19.81 42.64
CA ALA A 313 -16.39 18.79 42.14
C ALA A 313 -15.97 18.37 40.73
N ARG A 314 -15.55 19.33 39.92
CA ARG A 314 -15.12 18.98 38.55
C ARG A 314 -13.84 18.13 38.62
N SER A 315 -12.90 18.43 39.52
CA SER A 315 -11.68 17.63 39.67
C SER A 315 -12.03 16.27 40.20
N ASP A 316 -13.00 16.18 41.13
CA ASP A 316 -13.39 14.87 41.65
C ASP A 316 -13.81 13.97 40.47
N LEU A 317 -14.62 14.54 39.58
CA LEU A 317 -15.10 13.77 38.41
C LEU A 317 -14.00 13.39 37.45
N LEU A 318 -13.10 14.32 37.19
CA LEU A 318 -12.07 14.06 36.19
C LEU A 318 -11.04 13.11 36.73
N VAL A 319 -10.59 13.27 37.98
CA VAL A 319 -9.57 12.37 38.53
C VAL A 319 -10.13 10.95 38.59
N ASP A 320 -11.43 10.79 38.92
CA ASP A 320 -12.02 9.46 38.95
C ASP A 320 -11.95 8.81 37.54
N GLN A 321 -12.24 9.59 36.49
CA GLN A 321 -12.08 9.03 35.11
C GLN A 321 -10.61 8.63 34.87
N TRP A 322 -9.67 9.49 35.22
CA TRP A 322 -8.26 9.18 35.02
C TRP A 322 -7.83 7.94 35.77
N LYS A 323 -8.28 7.78 37.02
CA LYS A 323 -7.86 6.61 37.81
C LYS A 323 -8.50 5.34 37.26
N LYS A 324 -9.66 5.44 36.68
CA LYS A 324 -10.24 4.26 36.01
C LYS A 324 -9.42 3.93 34.77
N LYS A 325 -9.11 4.92 33.94
CA LYS A 325 -8.28 4.65 32.75
C LYS A 325 -6.95 4.03 33.20
N ALA A 326 -6.32 4.55 34.25
CA ALA A 326 -5.03 4.04 34.71
C ALA A 326 -5.04 2.59 35.16
N GLU A 327 -6.21 2.12 35.55
CA GLU A 327 -6.32 0.70 35.94
C GLU A 327 -6.05 -0.26 34.80
N LEU A 328 -6.17 0.23 33.56
CA LEU A 328 -5.99 -0.62 32.38
C LEU A 328 -4.54 -0.74 31.95
N TYR A 329 -3.61 -0.04 32.62
CA TYR A 329 -2.20 -0.02 32.25
C TYR A 329 -1.32 -0.35 33.44
N ARG A 330 -0.06 -0.66 33.18
CA ARG A 330 0.83 -1.13 34.22
C ARG A 330 1.70 -0.14 34.96
N THR A 331 1.86 1.09 34.47
CA THR A 331 2.73 2.03 35.21
C THR A 331 1.87 3.09 35.88
N ASN A 332 2.56 3.97 36.61
CA ASN A 332 1.88 5.11 37.24
C ASN A 332 2.01 6.36 36.36
N VAL A 333 2.17 6.18 35.03
CA VAL A 333 2.25 7.32 34.08
C VAL A 333 1.06 7.16 33.12
N LEU A 334 0.16 8.14 33.02
CA LEU A 334 -1.05 8.05 32.23
C LEU A 334 -1.08 9.04 31.08
N LEU A 335 -1.41 8.55 29.89
CA LEU A 335 -1.54 9.37 28.68
C LEU A 335 -2.99 9.80 28.50
N ILE A 336 -3.23 11.11 28.41
CA ILE A 336 -4.54 11.68 28.16
C ILE A 336 -4.48 12.58 26.92
N PRO A 337 -4.78 12.03 25.73
CA PRO A 337 -4.81 12.90 24.53
C PRO A 337 -5.93 13.95 24.71
N LEU A 338 -5.72 15.16 24.18
CA LEU A 338 -6.70 16.23 24.21
C LEU A 338 -6.85 16.85 22.83
N GLY A 339 -7.77 16.32 22.02
CA GLY A 339 -7.88 16.85 20.66
C GLY A 339 -8.94 16.13 19.87
N ASP A 340 -9.08 16.53 18.58
CA ASP A 340 -10.08 15.98 17.68
C ASP A 340 -9.70 16.54 16.29
N ASP A 341 -10.61 16.33 15.35
CA ASP A 341 -10.35 16.70 13.93
C ASP A 341 -10.26 18.19 13.77
N PHE A 342 -9.17 18.65 13.16
CA PHE A 342 -8.97 20.06 12.86
C PHE A 342 -9.25 20.98 14.08
N ARG A 343 -8.83 20.50 15.25
CA ARG A 343 -8.97 21.34 16.45
C ARG A 343 -7.84 22.37 16.53
N PHE A 344 -8.01 23.24 17.52
CA PHE A 344 -7.06 24.36 17.83
C PHE A 344 -6.91 25.32 16.69
N LYS A 345 -8.02 25.67 16.08
CA LYS A 345 -8.07 26.56 14.96
C LYS A 345 -8.16 28.05 15.31
N GLN A 346 -8.98 28.36 16.30
CA GLN A 346 -9.18 29.74 16.75
C GLN A 346 -8.42 30.03 18.03
N ASN A 347 -7.96 31.27 18.17
CA ASN A 347 -7.36 31.76 19.38
C ASN A 347 -8.19 31.50 20.62
N THR A 348 -9.49 31.75 20.48
CA THR A 348 -10.42 31.58 21.58
C THR A 348 -10.50 30.12 22.02
N GLU A 349 -10.29 29.18 21.11
CA GLU A 349 -10.29 27.76 21.46
C GLU A 349 -9.04 27.37 22.25
N TRP A 350 -7.89 27.87 21.78
CA TRP A 350 -6.66 27.64 22.53
C TRP A 350 -6.86 28.14 23.98
N ASP A 351 -7.44 29.34 24.13
CA ASP A 351 -7.63 29.89 25.50
C ASP A 351 -8.62 29.08 26.30
N VAL A 352 -9.75 28.70 25.74
CA VAL A 352 -10.72 27.98 26.54
C VAL A 352 -10.22 26.62 27.01
N GLN A 353 -9.45 25.91 26.17
CA GLN A 353 -8.91 24.64 26.62
C GLN A 353 -7.77 24.86 27.62
N ARG A 354 -6.82 25.72 27.28
CA ARG A 354 -5.70 25.89 28.17
C ARG A 354 -6.07 26.43 29.54
N VAL A 355 -6.88 27.47 29.60
CA VAL A 355 -7.15 28.11 30.92
C VAL A 355 -7.96 27.17 31.80
N ASN A 356 -8.99 26.52 31.27
CA ASN A 356 -9.76 25.60 32.08
C ASN A 356 -8.91 24.42 32.58
N TYR A 357 -8.06 23.81 31.73
CA TYR A 357 -7.21 22.74 32.20
C TYR A 357 -6.21 23.26 33.20
N GLU A 358 -5.67 24.47 33.03
CA GLU A 358 -4.73 24.95 34.06
C GLU A 358 -5.40 25.16 35.42
N ARG A 359 -6.65 25.61 35.46
CA ARG A 359 -7.35 25.69 36.74
C ARG A 359 -7.50 24.31 37.38
N LEU A 360 -7.84 23.31 36.58
CA LEU A 360 -7.94 21.96 37.08
C LEU A 360 -6.61 21.46 37.60
N PHE A 361 -5.52 21.67 36.85
CA PHE A 361 -4.21 21.21 37.32
C PHE A 361 -3.83 21.88 38.66
N GLU A 362 -4.04 23.17 38.75
CA GLU A 362 -3.59 23.86 39.97
C GLU A 362 -4.33 23.29 41.18
N HIS A 363 -5.61 23.03 41.03
CA HIS A 363 -6.37 22.42 42.13
C HIS A 363 -5.92 21.00 42.41
N ILE A 364 -5.93 20.13 41.39
CA ILE A 364 -5.60 18.75 41.57
C ILE A 364 -4.22 18.54 42.14
N ASN A 365 -3.25 19.25 41.64
CA ASN A 365 -1.85 19.03 42.03
C ASN A 365 -1.61 19.52 43.46
N SER A 366 -2.49 20.35 44.00
CA SER A 366 -2.34 20.83 45.37
C SER A 366 -3.20 20.09 46.39
N GLN A 367 -4.03 19.17 45.94
CA GLN A 367 -4.89 18.42 46.85
C GLN A 367 -4.22 17.08 47.08
N ALA A 368 -3.47 16.97 48.17
CA ALA A 368 -2.74 15.71 48.42
C ALA A 368 -3.57 14.45 48.29
N HIS A 369 -4.82 14.48 48.75
CA HIS A 369 -5.67 13.30 48.70
C HIS A 369 -5.84 12.65 47.33
N PHE A 370 -5.67 13.40 46.25
CA PHE A 370 -5.74 12.80 44.91
C PHE A 370 -4.49 12.00 44.58
N ASN A 371 -3.34 12.42 45.11
CA ASN A 371 -2.05 11.82 44.81
C ASN A 371 -1.81 11.78 43.30
N VAL A 372 -2.10 12.91 42.66
CA VAL A 372 -1.90 13.05 41.19
C VAL A 372 -1.05 14.26 40.90
N GLN A 373 -0.17 14.16 39.90
CA GLN A 373 0.58 15.31 39.40
C GLN A 373 0.22 15.37 37.87
N ALA A 374 -0.56 16.35 37.45
CA ALA A 374 -1.03 16.44 36.06
C ALA A 374 -0.44 17.64 35.39
N GLN A 375 -0.15 17.52 34.10
CA GLN A 375 0.42 18.64 33.34
C GLN A 375 0.26 18.42 31.85
N PHE A 376 0.34 19.49 31.08
CA PHE A 376 0.42 19.30 29.61
C PHE A 376 1.73 18.59 29.32
N GLY A 377 1.69 17.73 28.30
CA GLY A 377 2.92 17.03 27.92
C GLY A 377 2.89 16.72 26.43
N THR A 378 4.03 16.17 25.95
CA THR A 378 4.11 15.68 24.59
C THR A 378 4.11 14.16 24.64
N LEU A 379 3.98 13.57 23.45
CA LEU A 379 3.97 12.10 23.37
C LEU A 379 5.30 11.47 23.83
N GLN A 380 6.42 12.06 23.41
CA GLN A 380 7.71 11.53 23.84
C GLN A 380 7.87 11.64 25.35
N GLU A 381 7.35 12.72 25.95
CA GLU A 381 7.46 12.84 27.40
C GLU A 381 6.71 11.69 28.10
N TYR A 382 5.55 11.33 27.58
CA TYR A 382 4.82 10.21 28.13
C TYR A 382 5.68 8.91 28.04
N PHE A 383 6.17 8.61 26.85
CA PHE A 383 6.93 7.35 26.71
C PHE A 383 8.22 7.37 27.56
N ASP A 384 8.90 8.50 27.57
CA ASP A 384 10.11 8.56 28.42
C ASP A 384 9.76 8.22 29.89
N ALA A 385 8.66 8.75 30.40
CA ALA A 385 8.29 8.45 31.81
C ALA A 385 7.87 6.99 31.98
N VAL A 386 7.14 6.42 31.00
CA VAL A 386 6.80 5.00 31.09
C VAL A 386 8.06 4.13 31.17
N HIS A 387 9.06 4.41 30.33
CA HIS A 387 10.27 3.59 30.36
C HIS A 387 11.13 3.85 31.62
N GLN A 388 11.06 5.04 32.18
CA GLN A 388 11.71 5.30 33.46
C GLN A 388 11.11 4.38 34.53
N ALA A 389 9.82 4.24 34.52
CA ALA A 389 9.10 3.37 35.48
C ALA A 389 9.51 1.92 35.22
N GLU A 390 9.57 1.51 33.95
CA GLU A 390 9.98 0.15 33.59
C GLU A 390 11.38 -0.15 34.10
N ARG A 391 12.33 0.76 33.85
CA ARG A 391 13.71 0.54 34.29
C ARG A 391 13.80 0.51 35.83
N ALA A 392 12.89 1.19 36.51
CA ALA A 392 12.93 1.17 37.99
C ALA A 392 12.28 -0.15 38.49
N GLY A 393 11.92 -1.06 37.56
CA GLY A 393 11.33 -2.32 38.00
C GLY A 393 9.89 -2.24 38.41
N GLN A 394 9.24 -1.16 38.00
CA GLN A 394 7.85 -0.92 38.34
C GLN A 394 6.82 -1.67 37.48
N ALA A 395 7.23 -2.17 36.31
CA ALA A 395 6.33 -2.82 35.37
C ALA A 395 7.17 -3.62 34.35
N GLU A 396 6.59 -4.69 33.81
CA GLU A 396 7.24 -5.48 32.73
C GLU A 396 6.10 -5.59 31.70
N PHE A 397 6.48 -5.60 30.44
CA PHE A 397 5.49 -5.59 29.39
C PHE A 397 5.45 -6.88 28.61
N PRO A 398 4.27 -7.26 28.19
CA PRO A 398 4.10 -8.47 27.42
C PRO A 398 4.59 -8.32 25.99
N THR A 399 4.93 -9.43 25.39
CA THR A 399 5.34 -9.47 23.97
C THR A 399 4.09 -9.87 23.16
N LEU A 400 4.05 -9.37 21.92
CA LEU A 400 2.89 -9.61 21.05
C LEU A 400 3.34 -9.69 19.60
N SER A 401 2.70 -10.63 18.86
CA SER A 401 2.85 -10.62 17.40
C SER A 401 1.46 -10.81 16.79
N GLY A 402 1.36 -10.39 15.53
CA GLY A 402 0.11 -10.50 14.76
C GLY A 402 -0.30 -9.12 14.23
N ASP A 403 -1.50 -9.02 13.67
CA ASP A 403 -2.00 -7.75 13.14
C ASP A 403 -3.33 -7.43 13.80
N PHE A 404 -3.89 -6.31 13.37
CA PHE A 404 -5.17 -5.81 13.91
C PHE A 404 -6.14 -5.53 12.80
N PHE A 405 -6.34 -6.56 11.97
CA PHE A 405 -7.40 -6.51 10.93
C PHE A 405 -8.27 -7.75 11.17
N THR A 406 -9.55 -7.73 10.82
CA THR A 406 -10.29 -6.59 10.29
C THR A 406 -10.98 -5.85 11.42
N TYR A 407 -10.85 -4.54 11.39
CA TYR A 407 -11.39 -3.64 12.40
C TYR A 407 -12.91 -3.61 12.36
N ALA A 408 -13.52 -3.60 13.56
CA ALA A 408 -14.91 -3.20 13.71
C ALA A 408 -14.98 -2.21 14.87
N ASP A 409 -15.68 -1.09 14.67
CA ASP A 409 -15.81 -0.10 15.74
C ASP A 409 -17.03 -0.35 16.61
N ARG A 410 -18.01 -1.12 16.13
CA ARG A 410 -19.24 -1.43 16.93
C ARG A 410 -20.01 -2.52 16.21
N SER A 411 -20.73 -3.31 16.99
CA SER A 411 -21.65 -4.34 16.47
C SER A 411 -20.99 -5.25 15.43
N ASP A 412 -21.64 -5.36 14.27
CA ASP A 412 -21.15 -6.16 13.16
C ASP A 412 -20.60 -5.26 12.05
N ASN A 413 -20.26 -4.03 12.40
CA ASN A 413 -19.82 -3.04 11.39
C ASN A 413 -18.30 -3.20 11.20
N TYR A 414 -17.92 -4.17 10.36
CA TYR A 414 -16.50 -4.45 10.01
C TYR A 414 -16.13 -3.61 8.79
N TRP A 415 -14.95 -3.01 8.91
CA TRP A 415 -14.47 -2.08 7.90
C TRP A 415 -13.68 -2.79 6.82
N SER A 416 -14.29 -3.76 6.14
CA SER A 416 -13.61 -4.44 5.05
C SER A 416 -14.01 -3.86 3.67
N GLY A 417 -14.95 -2.93 3.62
CA GLY A 417 -15.33 -2.33 2.33
C GLY A 417 -14.18 -1.51 1.71
N TYR A 418 -13.44 -0.80 2.55
CA TYR A 418 -12.40 0.09 2.01
C TYR A 418 -11.19 -0.70 1.46
N TYR A 419 -11.16 -2.03 1.66
CA TYR A 419 -10.12 -2.83 1.00
C TYR A 419 -10.31 -2.82 -0.52
N THR A 420 -11.49 -2.40 -1.00
CA THR A 420 -11.83 -2.39 -2.43
C THR A 420 -12.31 -1.05 -2.95
N SER A 421 -12.86 -0.18 -2.09
CA SER A 421 -13.45 1.07 -2.58
C SER A 421 -12.54 1.88 -3.49
N ARG A 422 -13.10 2.43 -4.56
CA ARG A 422 -12.34 3.19 -5.56
C ARG A 422 -11.13 2.40 -6.10
N PRO A 423 -11.40 1.24 -6.69
CA PRO A 423 -10.30 0.38 -7.15
C PRO A 423 -9.46 0.94 -8.28
N TYR A 424 -10.00 1.86 -9.09
CA TYR A 424 -9.17 2.44 -10.15
C TYR A 424 -7.93 3.08 -9.50
N HIS A 425 -8.11 3.81 -8.41
CA HIS A 425 -7.03 4.56 -7.79
C HIS A 425 -6.11 3.67 -6.97
N LYS A 426 -6.67 2.56 -6.46
CA LYS A 426 -5.84 1.56 -5.81
C LYS A 426 -4.85 0.97 -6.85
N ARG A 427 -5.33 0.68 -8.05
CA ARG A 427 -4.44 0.18 -9.09
C ARG A 427 -3.47 1.26 -9.54
N MET A 428 -3.94 2.50 -9.66
CA MET A 428 -3.05 3.60 -10.04
C MET A 428 -1.87 3.72 -9.01
N ASP A 429 -2.17 3.55 -7.71
CA ASP A 429 -1.12 3.57 -6.68
C ASP A 429 0.06 2.64 -7.02
N ARG A 430 -0.26 1.42 -7.44
CA ARG A 430 0.80 0.45 -7.72
C ARG A 430 1.57 0.81 -8.99
N VAL A 431 0.88 1.39 -9.98
CA VAL A 431 1.57 1.81 -11.22
C VAL A 431 2.55 2.96 -10.82
N LEU A 432 2.07 3.97 -10.10
CA LEU A 432 2.94 5.08 -9.73
C LEU A 432 4.04 4.62 -8.79
N MET A 433 3.76 3.65 -7.90
CA MET A 433 4.83 3.11 -7.04
C MET A 433 6.05 2.72 -7.87
N HIS A 434 5.76 1.93 -8.92
CA HIS A 434 6.79 1.40 -9.81
C HIS A 434 7.47 2.50 -10.62
N TYR A 435 6.69 3.44 -11.13
N TYR A 435 6.69 3.43 -11.12
CA TYR A 435 7.26 4.54 -11.91
CA TYR A 435 7.28 4.51 -11.89
C TYR A 435 8.18 5.42 -11.07
C TYR A 435 8.17 5.44 -11.07
N VAL A 436 7.83 5.64 -9.80
CA VAL A 436 8.70 6.44 -8.95
C VAL A 436 10.01 5.64 -8.72
N ARG A 437 9.91 4.34 -8.42
CA ARG A 437 11.13 3.59 -8.22
C ARG A 437 12.01 3.63 -9.49
N ALA A 438 11.38 3.40 -10.68
CA ALA A 438 12.18 3.36 -11.90
C ALA A 438 12.80 4.72 -12.25
N ALA A 439 12.04 5.82 -12.05
CA ALA A 439 12.58 7.15 -12.29
C ALA A 439 13.74 7.46 -11.35
N GLU A 440 13.59 7.16 -10.07
CA GLU A 440 14.69 7.46 -9.15
C GLU A 440 15.90 6.58 -9.47
N MET A 441 15.72 5.31 -9.85
CA MET A 441 16.85 4.45 -10.16
C MET A 441 17.56 4.83 -11.46
N LEU A 442 16.78 5.06 -12.52
CA LEU A 442 17.37 5.41 -13.83
C LEU A 442 18.15 6.68 -13.76
N SER A 443 17.66 7.66 -12.99
CA SER A 443 18.35 8.96 -12.94
C SER A 443 19.46 8.98 -11.90
N ALA A 444 19.53 8.01 -11.01
CA ALA A 444 20.56 8.00 -9.97
C ALA A 444 21.92 7.73 -10.54
N TRP A 445 22.04 7.06 -11.68
CA TRP A 445 23.35 6.67 -12.21
C TRP A 445 24.25 7.86 -12.53
N HIS A 446 23.66 9.00 -12.82
CA HIS A 446 24.40 10.21 -13.15
C HIS A 446 24.04 11.32 -12.21
N SER A 447 24.94 12.30 -12.18
CA SER A 447 24.69 13.57 -11.51
C SER A 447 24.07 14.48 -12.62
N TRP A 448 23.07 15.29 -12.33
CA TRP A 448 22.42 16.09 -13.36
C TRP A 448 22.55 17.56 -13.08
N ASP A 449 22.72 18.35 -14.15
CA ASP A 449 22.74 19.77 -14.00
C ASP A 449 21.38 20.24 -13.50
N GLY A 450 21.35 21.31 -12.71
CA GLY A 450 20.07 21.79 -12.21
C GLY A 450 19.08 22.18 -13.31
N MET A 451 19.58 22.56 -14.48
CA MET A 451 18.69 22.95 -15.56
C MET A 451 17.87 21.77 -16.09
N ALA A 452 18.29 20.54 -15.78
CA ALA A 452 17.56 19.36 -16.23
C ALA A 452 16.28 19.13 -15.38
N ARG A 453 16.16 19.80 -14.23
CA ARG A 453 14.96 19.73 -13.37
C ARG A 453 14.65 18.29 -12.93
N ILE A 454 15.67 17.47 -12.75
CA ILE A 454 15.46 16.08 -12.37
C ILE A 454 15.00 16.03 -10.92
N GLU A 455 15.71 16.68 -10.01
CA GLU A 455 15.33 16.66 -8.58
C GLU A 455 13.95 17.29 -8.42
N GLU A 456 13.60 18.35 -9.13
CA GLU A 456 12.31 18.96 -9.03
C GLU A 456 11.21 17.97 -9.40
N ARG A 457 11.37 17.30 -10.53
CA ARG A 457 10.30 16.36 -10.95
C ARG A 457 10.18 15.13 -10.04
N LEU A 458 11.32 14.63 -9.55
CA LEU A 458 11.27 13.48 -8.63
C LEU A 458 10.64 13.91 -7.31
N GLU A 459 10.93 15.13 -6.81
CA GLU A 459 10.31 15.54 -5.55
C GLU A 459 8.79 15.65 -5.74
N GLN A 460 8.34 16.22 -6.85
CA GLN A 460 6.92 16.25 -7.13
C GLN A 460 6.31 14.85 -7.13
N ALA A 461 6.94 13.92 -7.84
CA ALA A 461 6.37 12.58 -7.94
C ALA A 461 6.33 11.89 -6.58
N ARG A 462 7.41 12.00 -5.81
CA ARG A 462 7.41 11.36 -4.48
C ARG A 462 6.34 11.96 -3.59
N ARG A 463 6.13 13.28 -3.66
CA ARG A 463 5.18 13.90 -2.74
C ARG A 463 3.75 13.59 -3.14
N GLU A 464 3.41 13.48 -4.42
CA GLU A 464 2.03 13.16 -4.81
C GLU A 464 1.72 11.70 -4.45
N LEU A 465 2.69 10.79 -4.67
CA LEU A 465 2.43 9.38 -4.31
C LEU A 465 2.35 9.28 -2.76
N SER A 466 3.23 10.02 -2.05
CA SER A 466 3.20 9.99 -0.59
C SER A 466 1.85 10.52 -0.03
N LEU A 467 1.33 11.60 -0.63
CA LEU A 467 0.05 12.16 -0.18
C LEU A 467 -1.05 11.08 -0.29
N PHE A 468 -1.01 10.32 -1.39
CA PHE A 468 -2.08 9.33 -1.62
C PHE A 468 -2.06 8.16 -0.62
N GLN A 469 -0.97 7.96 0.12
CA GLN A 469 -0.93 6.95 1.17
C GLN A 469 -1.81 7.30 2.36
N HIS A 470 -2.30 8.53 2.43
CA HIS A 470 -3.20 8.98 3.48
C HIS A 470 -4.36 8.01 3.62
N HIS A 471 -4.85 7.91 4.86
CA HIS A 471 -5.95 6.98 5.19
C HIS A 471 -7.31 7.40 4.64
N ASP A 472 -7.38 8.49 3.85
CA ASP A 472 -8.58 8.74 3.02
C ASP A 472 -8.21 8.79 1.54
N GLY A 473 -6.97 8.44 1.19
CA GLY A 473 -6.52 8.44 -0.20
C GLY A 473 -6.71 7.05 -0.82
N ILE A 474 -5.67 6.23 -0.68
CA ILE A 474 -5.71 4.89 -1.25
C ILE A 474 -6.87 4.06 -0.74
N THR A 475 -7.37 4.38 0.45
CA THR A 475 -8.54 3.68 1.04
C THR A 475 -9.83 3.89 0.21
N GLY A 476 -9.91 4.93 -0.64
CA GLY A 476 -11.15 5.14 -1.37
C GLY A 476 -12.28 5.65 -0.49
N THR A 477 -11.94 6.40 0.57
CA THR A 477 -12.93 6.90 1.50
C THR A 477 -13.05 8.42 1.44
N ALA A 478 -12.65 9.08 0.35
CA ALA A 478 -12.83 10.56 0.26
C ALA A 478 -14.01 10.93 -0.63
N LYS A 479 -14.44 12.18 -0.54
CA LYS A 479 -15.54 12.65 -1.42
C LYS A 479 -15.07 12.59 -2.86
N THR A 480 -16.03 12.52 -3.78
CA THR A 480 -15.69 12.42 -5.20
C THR A 480 -14.76 13.49 -5.71
N HIS A 481 -14.96 14.78 -5.34
CA HIS A 481 -14.06 15.80 -5.87
C HIS A 481 -12.65 15.70 -5.29
N VAL A 482 -12.52 15.07 -4.12
CA VAL A 482 -11.20 14.86 -3.51
C VAL A 482 -10.49 13.69 -4.20
N VAL A 483 -11.22 12.63 -4.50
CA VAL A 483 -10.66 11.56 -5.29
C VAL A 483 -10.14 12.10 -6.62
N VAL A 484 -10.92 13.01 -7.26
CA VAL A 484 -10.44 13.60 -8.51
C VAL A 484 -9.14 14.37 -8.32
N ASP A 485 -9.02 15.11 -7.20
CA ASP A 485 -7.78 15.80 -6.95
C ASP A 485 -6.60 14.84 -6.79
N TYR A 486 -6.79 13.77 -6.03
CA TYR A 486 -5.70 12.78 -5.90
C TYR A 486 -5.35 12.19 -7.26
N GLU A 487 -6.36 11.91 -8.10
CA GLU A 487 -6.07 11.32 -9.41
C GLU A 487 -5.25 12.31 -10.27
N GLN A 488 -5.66 13.57 -10.25
CA GLN A 488 -4.94 14.62 -11.01
C GLN A 488 -3.50 14.74 -10.55
N ARG A 489 -3.27 14.73 -9.24
CA ARG A 489 -1.93 14.81 -8.69
C ARG A 489 -1.11 13.59 -9.12
N MET A 490 -1.70 12.39 -9.05
CA MET A 490 -0.95 11.22 -9.48
C MET A 490 -0.67 11.21 -10.99
N GLN A 491 -1.57 11.75 -11.80
CA GLN A 491 -1.31 11.85 -13.25
C GLN A 491 -0.12 12.76 -13.52
N GLU A 492 -0.05 13.89 -12.80
CA GLU A 492 1.10 14.78 -12.96
C GLU A 492 2.36 14.06 -12.49
N ALA A 493 2.27 13.28 -11.40
CA ALA A 493 3.43 12.54 -10.94
C ALA A 493 3.89 11.51 -12.01
N LEU A 494 2.95 10.81 -12.65
CA LEU A 494 3.34 9.86 -13.71
C LEU A 494 4.04 10.60 -14.84
N LYS A 495 3.56 11.77 -15.23
CA LYS A 495 4.22 12.55 -16.32
C LYS A 495 5.62 12.97 -15.87
N ALA A 496 5.79 13.36 -14.62
CA ALA A 496 7.12 13.67 -14.10
C ALA A 496 8.07 12.49 -14.16
N CYS A 497 7.60 11.32 -13.76
CA CYS A 497 8.41 10.09 -13.81
C CYS A 497 8.79 9.76 -15.26
N GLN A 498 7.84 9.89 -16.18
CA GLN A 498 8.14 9.63 -17.59
C GLN A 498 9.24 10.54 -18.08
N MET A 499 9.14 11.83 -17.77
CA MET A 499 10.15 12.76 -18.24
C MET A 499 11.53 12.38 -17.74
N VAL A 500 11.66 12.10 -16.44
CA VAL A 500 12.93 11.76 -15.86
C VAL A 500 13.45 10.45 -16.44
N MET A 501 12.57 9.44 -16.56
CA MET A 501 13.01 8.15 -17.11
C MET A 501 13.53 8.32 -18.54
N GLN A 502 12.79 9.02 -19.40
CA GLN A 502 13.21 9.07 -20.81
C GLN A 502 14.46 9.91 -20.99
N GLN A 503 14.64 10.99 -20.20
CA GLN A 503 15.92 11.71 -20.29
C GLN A 503 17.05 10.79 -19.84
N SER A 504 16.82 9.93 -18.83
CA SER A 504 17.88 9.08 -18.31
C SER A 504 18.25 7.99 -19.33
N VAL A 505 17.26 7.39 -19.98
CA VAL A 505 17.53 6.36 -21.00
C VAL A 505 18.37 6.99 -22.15
N TYR A 506 17.99 8.18 -22.59
CA TYR A 506 18.76 8.83 -23.66
C TYR A 506 20.24 9.02 -23.23
N ARG A 507 20.48 9.45 -22.01
CA ARG A 507 21.83 9.62 -21.53
C ARG A 507 22.59 8.30 -21.37
N LEU A 508 21.92 7.29 -20.85
CA LEU A 508 22.58 6.02 -20.60
C LEU A 508 22.92 5.21 -21.83
N LEU A 509 22.21 5.46 -22.94
CA LEU A 509 22.39 4.64 -24.16
C LEU A 509 22.89 5.43 -25.34
N THR A 510 23.42 6.64 -25.15
CA THR A 510 23.97 7.39 -26.31
C THR A 510 25.48 7.60 -26.07
N LYS A 511 26.26 7.44 -27.14
CA LYS A 511 27.73 7.67 -27.04
C LYS A 511 27.89 9.03 -26.39
N PRO A 512 28.76 9.12 -25.35
CA PRO A 512 28.87 10.41 -24.65
C PRO A 512 29.25 11.64 -25.44
N SER A 513 30.11 11.44 -26.43
CA SER A 513 30.55 12.60 -27.27
C SER A 513 29.49 13.00 -28.28
N ILE A 514 28.39 12.25 -28.39
CA ILE A 514 27.29 12.54 -29.30
C ILE A 514 26.07 13.06 -28.51
N TYR A 515 25.92 12.64 -27.25
CA TYR A 515 24.79 13.02 -26.38
C TYR A 515 24.59 14.53 -26.40
N SER A 516 23.40 14.97 -26.80
CA SER A 516 23.13 16.39 -26.91
C SER A 516 21.75 16.71 -26.37
N PRO A 517 21.62 16.76 -25.05
CA PRO A 517 20.29 16.84 -24.44
C PRO A 517 19.67 18.21 -24.57
N ASP A 518 18.40 18.22 -24.92
CA ASP A 518 17.49 19.29 -24.58
C ASP A 518 16.59 18.78 -23.47
N PHE A 519 16.74 19.36 -22.28
CA PHE A 519 16.03 18.84 -21.12
C PHE A 519 14.54 18.96 -21.13
N SER A 520 13.96 19.64 -22.11
CA SER A 520 12.47 19.74 -22.21
C SER A 520 11.95 18.81 -23.32
N PHE A 521 12.87 18.16 -24.06
CA PHE A 521 12.48 17.35 -25.21
C PHE A 521 12.14 15.92 -24.86
N SER A 522 11.22 15.33 -25.62
CA SER A 522 10.84 13.94 -25.43
C SER A 522 11.58 13.04 -26.42
N TYR A 523 12.67 12.44 -25.96
CA TYR A 523 13.44 11.48 -26.75
C TYR A 523 12.76 10.13 -26.89
N PHE A 524 12.03 9.76 -25.84
CA PHE A 524 11.28 8.50 -25.84
C PHE A 524 9.92 8.74 -25.19
N THR A 525 8.97 7.92 -25.59
CA THR A 525 7.70 7.90 -24.89
C THR A 525 7.54 6.51 -24.27
N LEU A 526 6.95 6.46 -23.09
CA LEU A 526 6.71 5.22 -22.44
C LEU A 526 5.54 4.53 -23.08
N ASP A 527 5.58 3.21 -23.13
CA ASP A 527 4.49 2.45 -23.63
C ASP A 527 4.10 1.52 -22.48
N ASP A 528 2.89 1.57 -22.00
CA ASP A 528 2.48 0.73 -20.89
C ASP A 528 1.25 -0.03 -21.33
N SER A 529 1.36 -1.35 -21.40
CA SER A 529 0.24 -2.17 -21.89
C SER A 529 -0.84 -2.41 -20.86
N ARG A 530 -0.61 -2.09 -19.57
CA ARG A 530 -1.60 -2.40 -18.57
C ARG A 530 -2.07 -1.21 -17.77
N TRP A 531 -1.67 -0.01 -18.13
CA TRP A 531 -2.24 1.16 -17.45
C TRP A 531 -2.31 2.32 -18.41
N PRO A 532 -3.47 2.95 -18.52
CA PRO A 532 -4.73 2.65 -17.83
C PRO A 532 -5.30 1.32 -18.31
N GLY A 533 -4.84 0.85 -19.46
CA GLY A 533 -5.27 -0.45 -19.95
C GLY A 533 -6.25 -0.38 -21.11
N SER A 534 -6.18 -1.44 -21.91
CA SER A 534 -7.03 -1.60 -23.09
C SER A 534 -8.45 -1.54 -22.58
N GLY A 535 -9.27 -0.68 -23.19
CA GLY A 535 -10.65 -0.55 -22.74
C GLY A 535 -10.87 0.49 -21.67
N VAL A 536 -9.77 1.05 -21.15
CA VAL A 536 -9.89 2.06 -20.11
C VAL A 536 -9.57 3.43 -20.75
N GLU A 537 -8.42 3.53 -21.40
CA GLU A 537 -8.10 4.72 -22.18
C GLU A 537 -7.35 4.29 -23.44
N ASP A 538 -7.56 5.00 -24.53
CA ASP A 538 -6.65 4.85 -25.67
C ASP A 538 -5.48 5.79 -25.52
N SER A 539 -4.41 5.29 -24.92
CA SER A 539 -3.27 6.14 -24.55
C SER A 539 -1.95 5.77 -25.22
N ARG A 540 -1.90 4.54 -25.72
CA ARG A 540 -0.73 3.96 -26.34
C ARG A 540 -0.50 4.41 -27.75
N THR A 541 0.75 4.69 -28.03
CA THR A 541 1.07 5.14 -29.36
C THR A 541 1.38 3.93 -30.23
N THR A 542 0.98 4.07 -31.47
CA THR A 542 1.25 3.06 -32.46
C THR A 542 2.56 3.47 -33.12
N ILE A 543 3.46 2.49 -33.26
CA ILE A 543 4.71 2.74 -33.97
C ILE A 543 4.35 2.73 -35.48
N ILE A 544 4.53 3.86 -36.12
CA ILE A 544 4.16 4.01 -37.54
C ILE A 544 5.36 3.77 -38.45
N LEU A 545 5.27 2.67 -39.18
CA LEU A 545 6.33 2.27 -40.09
C LEU A 545 5.70 2.20 -41.49
N GLY A 546 6.51 2.38 -42.51
CA GLY A 546 6.00 2.30 -43.88
C GLY A 546 7.15 2.53 -44.80
N GLU A 547 7.05 1.90 -45.98
CA GLU A 547 8.13 2.04 -46.99
C GLU A 547 8.32 3.49 -47.44
N ASP A 548 7.23 4.27 -47.39
CA ASP A 548 7.31 5.67 -47.80
C ASP A 548 7.35 6.61 -46.62
N ILE A 549 7.69 6.13 -45.43
CA ILE A 549 7.75 7.01 -44.26
C ILE A 549 8.90 6.73 -43.27
N LEU A 550 9.06 5.48 -42.87
CA LEU A 550 10.06 5.14 -41.83
C LEU A 550 10.17 3.63 -41.84
N PRO A 551 11.35 3.11 -42.14
CA PRO A 551 11.46 1.65 -42.17
C PRO A 551 11.61 0.94 -40.84
N SER A 552 12.08 1.65 -39.81
CA SER A 552 12.36 0.95 -38.55
C SER A 552 12.26 1.89 -37.36
N LYS A 553 12.24 1.26 -36.17
CA LYS A 553 12.13 2.00 -34.93
C LYS A 553 12.88 1.28 -33.79
N HIS A 554 13.66 2.05 -33.05
CA HIS A 554 14.32 1.57 -31.85
C HIS A 554 13.37 1.66 -30.65
N VAL A 555 13.38 0.60 -29.85
CA VAL A 555 12.66 0.55 -28.59
C VAL A 555 13.67 0.08 -27.52
N VAL A 556 13.42 0.48 -26.27
CA VAL A 556 14.34 0.12 -25.20
C VAL A 556 13.52 -0.39 -24.00
N MET A 557 14.01 -1.46 -23.36
CA MET A 557 13.39 -1.96 -22.14
C MET A 557 14.30 -1.73 -20.95
N HIS A 558 13.68 -1.36 -19.82
CA HIS A 558 14.39 -1.21 -18.55
C HIS A 558 13.90 -2.25 -17.57
N ASN A 559 14.89 -2.82 -16.83
CA ASN A 559 14.61 -3.80 -15.79
C ASN A 559 15.08 -3.27 -14.43
N THR A 560 14.14 -2.84 -13.58
CA THR A 560 14.55 -2.28 -12.28
C THR A 560 15.05 -3.32 -11.28
N LEU A 561 14.76 -4.58 -11.51
CA LEU A 561 15.18 -5.65 -10.56
C LEU A 561 16.65 -6.00 -10.73
N PRO A 562 17.32 -6.36 -9.64
CA PRO A 562 18.75 -6.69 -9.70
C PRO A 562 19.16 -8.07 -10.15
N HIS A 563 18.47 -8.61 -11.15
CA HIS A 563 18.88 -9.88 -11.74
C HIS A 563 18.51 -9.82 -13.19
N TRP A 564 19.20 -10.59 -14.02
CA TRP A 564 18.86 -10.67 -15.45
C TRP A 564 17.42 -11.13 -15.55
N ARG A 565 16.68 -10.56 -16.50
CA ARG A 565 15.27 -10.93 -16.59
C ARG A 565 14.82 -10.97 -18.02
N GLU A 566 14.08 -12.02 -18.35
CA GLU A 566 13.35 -12.09 -19.64
C GLU A 566 11.87 -11.91 -19.38
N GLN A 567 11.20 -11.19 -20.28
CA GLN A 567 9.75 -10.99 -20.16
C GLN A 567 9.24 -10.70 -21.55
N LEU A 568 8.08 -11.27 -21.91
CA LEU A 568 7.51 -10.85 -23.21
C LEU A 568 7.05 -9.40 -23.12
N VAL A 569 7.26 -8.66 -24.18
CA VAL A 569 6.82 -7.27 -24.28
C VAL A 569 6.06 -7.11 -25.58
N ASP A 570 5.11 -6.20 -25.58
CA ASP A 570 4.34 -5.96 -26.80
C ASP A 570 4.28 -4.49 -27.14
N PHE A 571 4.18 -4.22 -28.44
CA PHE A 571 4.05 -2.85 -28.94
C PHE A 571 2.96 -2.87 -30.05
N TYR A 572 2.28 -1.74 -30.21
CA TYR A 572 1.35 -1.58 -31.33
C TYR A 572 2.19 -1.08 -32.52
N VAL A 573 1.92 -1.63 -33.68
CA VAL A 573 2.63 -1.29 -34.94
C VAL A 573 1.61 -1.16 -36.07
N SER A 574 1.95 -0.33 -37.07
CA SER A 574 0.99 -0.05 -38.15
C SER A 574 1.00 -1.05 -39.30
N SER A 575 1.75 -2.13 -39.20
CA SER A 575 1.77 -3.20 -40.17
C SER A 575 1.98 -4.52 -39.48
N PRO A 576 1.42 -5.60 -40.02
CA PRO A 576 1.65 -6.90 -39.39
C PRO A 576 3.01 -7.49 -39.82
N PHE A 577 3.67 -6.88 -40.84
CA PHE A 577 4.89 -7.45 -41.38
C PHE A 577 6.09 -6.74 -40.78
N VAL A 578 6.37 -7.15 -39.54
CA VAL A 578 7.43 -6.50 -38.75
C VAL A 578 8.30 -7.57 -38.12
N SER A 579 9.60 -7.31 -38.16
CA SER A 579 10.51 -8.23 -37.52
C SER A 579 11.36 -7.50 -36.49
N VAL A 580 11.85 -8.29 -35.56
CA VAL A 580 12.62 -7.73 -34.45
C VAL A 580 14.06 -8.22 -34.50
N THR A 581 14.95 -7.30 -34.18
CA THR A 581 16.39 -7.62 -34.03
C THR A 581 16.93 -6.93 -32.77
N ASP A 582 18.01 -7.49 -32.21
CA ASP A 582 18.77 -6.81 -31.14
C ASP A 582 19.78 -5.83 -31.75
N LEU A 583 20.58 -5.09 -30.96
CA LEU A 583 21.43 -4.13 -31.68
C LEU A 583 22.69 -4.73 -32.29
N ALA A 584 22.84 -6.07 -32.24
CA ALA A 584 23.95 -6.72 -32.96
C ALA A 584 23.29 -7.28 -34.20
N ASN A 585 22.04 -6.88 -34.44
CA ASN A 585 21.32 -7.35 -35.60
C ASN A 585 20.95 -8.81 -35.64
N ASN A 586 20.95 -9.46 -34.50
CA ASN A 586 20.55 -10.87 -34.39
C ASN A 586 19.00 -10.89 -34.39
N PRO A 587 18.39 -11.76 -35.17
CA PRO A 587 16.93 -11.87 -35.21
C PRO A 587 16.41 -12.35 -33.87
N VAL A 588 15.22 -11.84 -33.52
CA VAL A 588 14.55 -12.22 -32.28
C VAL A 588 13.16 -12.74 -32.70
N GLU A 589 12.82 -13.93 -32.22
CA GLU A 589 11.52 -14.53 -32.56
C GLU A 589 10.37 -13.65 -32.08
N ALA A 590 9.38 -13.40 -32.91
CA ALA A 590 8.29 -12.52 -32.54
C ALA A 590 6.96 -13.13 -32.95
N GLN A 591 5.88 -12.64 -32.37
CA GLN A 591 4.52 -13.06 -32.72
C GLN A 591 3.70 -11.82 -32.95
N VAL A 592 2.88 -11.77 -34.01
CA VAL A 592 1.96 -10.66 -34.24
C VAL A 592 0.56 -11.21 -34.02
N SER A 593 -0.23 -10.43 -33.30
CA SER A 593 -1.63 -10.71 -32.96
C SER A 593 -2.44 -9.50 -33.35
N PRO A 594 -3.75 -9.65 -33.52
CA PRO A 594 -4.54 -8.44 -33.80
C PRO A 594 -4.74 -7.54 -32.57
N VAL A 595 -5.23 -6.31 -32.76
CA VAL A 595 -5.58 -5.47 -31.64
C VAL A 595 -7.10 -5.62 -31.51
N TRP A 596 -7.52 -6.18 -30.40
CA TRP A 596 -8.93 -6.49 -30.16
C TRP A 596 -9.48 -5.53 -29.10
N SER A 597 -10.59 -4.88 -29.41
CA SER A 597 -11.25 -4.02 -28.45
C SER A 597 -12.69 -4.47 -28.22
N TRP A 598 -13.12 -4.48 -26.97
CA TRP A 598 -14.43 -4.98 -26.63
C TRP A 598 -15.43 -3.85 -26.51
N HIS A 599 -16.64 -4.09 -26.97
CA HIS A 599 -17.64 -3.07 -27.01
C HIS A 599 -18.91 -3.57 -26.42
N HIS A 600 -19.49 -2.77 -25.54
CA HIS A 600 -20.84 -3.03 -25.13
C HIS A 600 -21.78 -2.47 -26.17
N ASP A 601 -22.29 -3.34 -27.00
CA ASP A 601 -23.07 -2.93 -28.15
C ASP A 601 -24.52 -2.65 -27.72
N THR A 602 -24.90 -1.36 -27.64
CA THR A 602 -26.25 -1.00 -27.20
C THR A 602 -27.32 -1.28 -28.23
N LEU A 603 -26.93 -1.62 -29.44
CA LEU A 603 -27.88 -1.99 -30.48
C LEU A 603 -28.20 -3.50 -30.42
N THR A 604 -27.20 -4.38 -30.48
CA THR A 604 -27.43 -5.80 -30.41
C THR A 604 -27.56 -6.31 -28.94
N LYS A 605 -27.17 -5.47 -27.97
CA LYS A 605 -27.21 -5.87 -26.55
C LYS A 605 -26.29 -7.06 -26.29
N THR A 606 -25.12 -6.99 -26.89
CA THR A 606 -24.09 -8.02 -26.66
C THR A 606 -22.79 -7.28 -26.41
N ILE A 607 -21.85 -7.99 -25.76
CA ILE A 607 -20.51 -7.48 -25.48
C ILE A 607 -19.61 -8.31 -26.40
N HIS A 608 -18.98 -7.69 -27.38
CA HIS A 608 -18.25 -8.47 -28.36
C HIS A 608 -17.05 -7.67 -28.84
N PRO A 609 -16.04 -8.36 -29.36
CA PRO A 609 -14.82 -7.71 -29.80
C PRO A 609 -14.75 -7.29 -31.23
N GLN A 610 -14.04 -6.20 -31.42
CA GLN A 610 -13.82 -5.71 -32.77
C GLN A 610 -12.31 -5.70 -33.02
N GLY A 611 -11.88 -6.10 -34.20
CA GLY A 611 -10.44 -6.07 -34.46
C GLY A 611 -10.05 -4.87 -35.33
N SER A 612 -8.83 -4.40 -35.16
CA SER A 612 -8.34 -3.30 -35.99
C SER A 612 -7.85 -3.84 -37.29
N THR A 613 -8.05 -3.04 -38.39
CA THR A 613 -7.57 -3.47 -39.70
C THR A 613 -6.33 -2.65 -40.12
N THR A 614 -5.82 -1.85 -39.19
CA THR A 614 -4.61 -1.03 -39.39
C THR A 614 -3.57 -0.96 -38.24
N LYS A 615 -3.92 -1.43 -37.04
CA LYS A 615 -3.00 -1.52 -35.88
C LYS A 615 -2.85 -3.01 -35.58
N TYR A 616 -1.65 -3.45 -35.19
CA TYR A 616 -1.39 -4.83 -34.82
C TYR A 616 -0.50 -4.85 -33.59
N ARG A 617 -0.49 -5.96 -32.87
CA ARG A 617 0.43 -6.10 -31.71
C ARG A 617 1.60 -6.97 -32.09
N ILE A 618 2.83 -6.51 -31.84
CA ILE A 618 3.99 -7.37 -32.06
C ILE A 618 4.52 -7.72 -30.64
N ILE A 619 4.84 -8.96 -30.41
CA ILE A 619 5.23 -9.48 -29.09
C ILE A 619 6.54 -10.21 -29.24
N PHE A 620 7.51 -10.00 -28.34
CA PHE A 620 8.75 -10.75 -28.39
C PHE A 620 9.34 -10.80 -26.99
N LYS A 621 10.28 -11.70 -26.77
CA LYS A 621 10.92 -11.82 -25.48
C LYS A 621 12.10 -10.88 -25.36
N ALA A 622 11.99 -9.94 -24.43
CA ALA A 622 13.13 -9.05 -24.14
C ALA A 622 14.01 -9.63 -23.02
N ARG A 623 15.31 -9.49 -23.15
CA ARG A 623 16.25 -10.00 -22.09
C ARG A 623 17.05 -8.79 -21.68
N VAL A 624 16.96 -8.47 -20.38
CA VAL A 624 17.51 -7.20 -19.88
C VAL A 624 18.42 -7.44 -18.70
N PRO A 625 19.55 -6.67 -18.66
CA PRO A 625 20.49 -6.87 -17.55
C PRO A 625 19.90 -6.43 -16.19
N PRO A 626 20.53 -6.84 -15.10
CA PRO A 626 20.09 -6.42 -13.76
C PRO A 626 20.17 -4.86 -13.71
N MET A 627 19.09 -4.23 -13.24
CA MET A 627 19.04 -2.74 -13.11
C MET A 627 19.56 -2.08 -14.37
N GLY A 628 19.12 -2.64 -15.51
CA GLY A 628 19.72 -2.25 -16.80
C GLY A 628 18.75 -1.99 -17.93
N LEU A 629 19.33 -1.83 -19.13
CA LEU A 629 18.54 -1.48 -20.34
C LEU A 629 18.98 -2.33 -21.50
N ALA A 630 18.04 -2.60 -22.39
CA ALA A 630 18.35 -3.38 -23.63
C ALA A 630 17.57 -2.77 -24.78
N THR A 631 18.25 -2.58 -25.91
CA THR A 631 17.67 -1.94 -27.09
C THR A 631 17.33 -2.96 -28.17
N TYR A 632 16.19 -2.79 -28.82
CA TYR A 632 15.79 -3.66 -29.95
C TYR A 632 15.31 -2.75 -31.05
N VAL A 633 15.21 -3.35 -32.23
CA VAL A 633 14.77 -2.64 -33.43
C VAL A 633 13.61 -3.39 -34.10
N LEU A 634 12.57 -2.66 -34.45
CA LEU A 634 11.40 -3.21 -35.19
C LEU A 634 11.50 -2.66 -36.62
N THR A 635 11.49 -3.60 -37.60
CA THR A 635 11.65 -3.21 -39.03
C THR A 635 10.51 -3.75 -39.86
N ILE A 636 10.03 -2.91 -40.77
CA ILE A 636 8.90 -3.39 -41.60
C ILE A 636 9.44 -4.08 -42.85
N SER A 637 8.67 -5.06 -43.35
CA SER A 637 9.02 -5.71 -44.64
C SER A 637 7.74 -5.74 -45.46
N ASP A 638 7.86 -6.11 -46.72
CA ASP A 638 6.66 -6.11 -47.56
C ASP A 638 5.83 -7.40 -47.47
N SER A 639 6.33 -8.42 -46.75
CA SER A 639 5.60 -9.65 -46.60
C SER A 639 6.04 -10.33 -45.32
N LYS A 640 5.46 -11.47 -45.01
CA LYS A 640 5.78 -12.20 -43.77
C LYS A 640 7.28 -12.42 -43.55
N PRO A 641 7.81 -11.91 -42.44
CA PRO A 641 9.22 -12.03 -42.07
C PRO A 641 9.52 -13.44 -41.62
N GLU A 642 10.74 -13.89 -41.82
CA GLU A 642 11.11 -15.22 -41.42
C GLU A 642 10.98 -15.60 -39.93
N HIS A 643 11.22 -14.62 -39.07
CA HIS A 643 11.22 -14.87 -37.62
C HIS A 643 9.99 -14.32 -36.88
N THR A 644 8.93 -14.03 -37.59
CA THR A 644 7.67 -13.57 -37.00
C THR A 644 6.54 -14.52 -37.36
N SER A 645 5.82 -14.98 -36.35
CA SER A 645 4.66 -15.88 -36.57
C SER A 645 3.40 -15.10 -36.31
N TYR A 646 2.26 -15.65 -36.71
CA TYR A 646 0.98 -14.96 -36.59
C TYR A 646 -0.01 -15.82 -35.81
N ALA A 647 -0.69 -15.22 -34.83
CA ALA A 647 -1.67 -15.94 -34.02
C ALA A 647 -2.91 -16.34 -34.83
N SER A 648 -3.45 -17.51 -34.56
CA SER A 648 -4.82 -17.82 -35.00
C SER A 648 -5.85 -17.18 -34.04
N ASN A 649 -7.05 -16.93 -34.54
CA ASN A 649 -8.12 -16.33 -33.72
C ASN A 649 -9.42 -17.04 -33.98
N LEU A 650 -10.10 -17.36 -32.91
CA LEU A 650 -11.39 -18.11 -32.98
C LEU A 650 -12.40 -17.40 -32.15
N LEU A 651 -13.51 -16.98 -32.74
CA LEU A 651 -14.60 -16.31 -32.04
C LEU A 651 -15.73 -17.32 -31.81
N LEU A 652 -16.05 -17.63 -30.58
CA LEU A 652 -17.08 -18.59 -30.22
C LEU A 652 -18.31 -17.87 -29.76
N ARG A 653 -19.36 -18.01 -30.56
CA ARG A 653 -20.63 -17.39 -30.29
C ARG A 653 -21.68 -17.89 -31.25
N LYS A 654 -22.93 -17.82 -30.82
CA LYS A 654 -24.08 -17.94 -31.72
C LYS A 654 -24.16 -16.69 -32.58
N ASN A 655 -24.63 -16.85 -33.81
CA ASN A 655 -24.90 -15.68 -34.61
C ASN A 655 -23.66 -14.84 -34.88
N PRO A 656 -22.58 -15.45 -35.39
CA PRO A 656 -21.41 -14.61 -35.63
C PRO A 656 -21.54 -13.78 -36.91
N THR A 657 -20.73 -12.73 -36.96
CA THR A 657 -20.61 -11.91 -38.16
C THR A 657 -19.09 -11.82 -38.43
N SER A 658 -18.73 -11.44 -39.65
CA SER A 658 -17.35 -11.37 -40.06
C SER A 658 -16.52 -10.37 -39.23
N LEU A 659 -15.21 -10.65 -39.19
CA LEU A 659 -14.26 -9.79 -38.41
C LEU A 659 -12.98 -9.66 -39.27
N PRO A 660 -13.02 -8.79 -40.25
CA PRO A 660 -11.85 -8.57 -41.13
C PRO A 660 -10.68 -7.90 -40.34
N LEU A 661 -9.47 -8.23 -40.74
CA LEU A 661 -8.31 -7.69 -39.99
C LEU A 661 -7.26 -7.08 -40.94
N GLY A 662 -7.69 -6.55 -42.09
CA GLY A 662 -6.74 -5.94 -43.06
C GLY A 662 -5.66 -6.87 -43.57
N GLN A 663 -4.39 -6.44 -43.38
CA GLN A 663 -3.25 -7.19 -43.87
C GLN A 663 -2.90 -8.41 -43.05
N TYR A 664 -3.50 -8.54 -41.88
CA TYR A 664 -3.23 -9.68 -41.01
C TYR A 664 -3.35 -10.94 -41.83
N PRO A 665 -2.43 -11.87 -41.77
CA PRO A 665 -2.44 -12.96 -42.75
C PRO A 665 -3.25 -14.22 -42.43
N GLU A 666 -3.84 -14.34 -41.23
CA GLU A 666 -4.69 -15.48 -40.89
C GLU A 666 -6.11 -14.96 -40.72
N ASP A 667 -7.05 -15.61 -41.40
CA ASP A 667 -8.47 -15.25 -41.27
C ASP A 667 -9.04 -15.72 -39.90
N VAL A 668 -9.87 -14.89 -39.31
CA VAL A 668 -10.56 -15.25 -38.05
C VAL A 668 -11.49 -16.43 -38.32
N LYS A 669 -11.52 -17.40 -37.42
CA LYS A 669 -12.43 -18.53 -37.49
C LYS A 669 -13.56 -18.39 -36.48
N PHE A 670 -14.67 -19.09 -36.73
CA PHE A 670 -15.87 -18.96 -35.91
C PHE A 670 -16.37 -20.33 -35.50
N GLY A 671 -17.14 -20.36 -34.41
CA GLY A 671 -17.75 -21.62 -33.96
C GLY A 671 -18.76 -21.39 -32.89
N ASP A 672 -19.59 -22.39 -32.64
CA ASP A 672 -20.54 -22.29 -31.55
C ASP A 672 -19.70 -22.45 -30.22
N PRO A 673 -20.22 -21.89 -29.11
CA PRO A 673 -19.50 -22.01 -27.82
C PRO A 673 -19.19 -23.49 -27.56
N ARG A 674 -18.02 -23.74 -27.00
CA ARG A 674 -17.58 -25.11 -26.70
C ARG A 674 -16.43 -25.03 -25.72
N GLU A 675 -16.16 -26.12 -25.02
CA GLU A 675 -15.01 -26.20 -24.15
C GLU A 675 -13.74 -26.20 -25.00
N ILE A 676 -12.68 -25.60 -24.48
CA ILE A 676 -11.42 -25.56 -25.20
C ILE A 676 -10.25 -25.74 -24.24
N SER A 677 -9.13 -26.19 -24.79
CA SER A 677 -7.90 -26.33 -24.03
C SER A 677 -6.73 -25.70 -24.79
N LEU A 678 -5.80 -25.13 -24.03
CA LEU A 678 -4.64 -24.47 -24.61
C LEU A 678 -3.39 -24.84 -23.82
N ARG A 679 -2.27 -24.91 -24.52
CA ARG A 679 -0.97 -25.03 -23.90
C ARG A 679 0.02 -24.16 -24.66
N VAL A 680 0.71 -23.28 -23.95
CA VAL A 680 1.84 -22.55 -24.53
C VAL A 680 3.18 -23.10 -24.04
N GLY A 681 4.09 -23.32 -24.97
CA GLY A 681 5.41 -23.84 -24.65
C GLY A 681 5.36 -25.18 -23.95
N ASN A 682 6.15 -25.30 -22.89
CA ASN A 682 6.21 -26.53 -22.08
C ASN A 682 5.22 -26.46 -20.92
N GLY A 683 4.49 -25.36 -20.84
CA GLY A 683 3.94 -24.88 -19.59
C GLY A 683 2.67 -25.63 -19.32
N PRO A 684 1.81 -25.12 -18.44
CA PRO A 684 0.60 -25.86 -18.09
C PRO A 684 -0.42 -25.89 -19.23
N THR A 685 -1.28 -26.89 -19.21
CA THR A 685 -2.42 -26.95 -20.11
C THR A 685 -3.64 -26.48 -19.34
N LEU A 686 -4.33 -25.49 -19.87
CA LEU A 686 -5.50 -24.91 -19.21
C LEU A 686 -6.75 -25.30 -20.00
N ALA A 687 -7.80 -25.73 -19.28
CA ALA A 687 -9.05 -26.05 -19.94
C ALA A 687 -10.08 -25.02 -19.51
N PHE A 688 -10.94 -24.62 -20.44
CA PHE A 688 -11.95 -23.60 -20.23
C PHE A 688 -13.35 -24.09 -20.52
N SER A 689 -14.34 -23.60 -19.81
CA SER A 689 -15.74 -23.94 -20.04
C SER A 689 -16.20 -23.21 -21.33
N GLU A 690 -17.40 -23.57 -21.79
CA GLU A 690 -17.96 -22.89 -22.95
C GLU A 690 -18.26 -21.42 -22.69
N GLN A 691 -18.24 -21.03 -21.41
CA GLN A 691 -18.40 -19.59 -21.12
C GLN A 691 -17.03 -18.87 -21.03
N GLY A 692 -15.94 -19.52 -21.37
CA GLY A 692 -14.66 -18.84 -21.43
C GLY A 692 -13.95 -18.73 -20.10
N LEU A 693 -14.38 -19.50 -19.10
CA LEU A 693 -13.79 -19.43 -17.76
C LEU A 693 -13.00 -20.67 -17.48
N LEU A 694 -11.85 -20.49 -16.83
CA LEU A 694 -11.02 -21.62 -16.49
C LEU A 694 -11.79 -22.67 -15.72
N LYS A 695 -11.52 -23.96 -16.05
CA LYS A 695 -12.08 -25.06 -15.27
C LYS A 695 -11.02 -26.00 -14.77
N SER A 696 -9.84 -26.06 -15.36
CA SER A 696 -8.78 -26.97 -14.82
C SER A 696 -7.41 -26.57 -15.28
N ILE A 697 -6.38 -27.00 -14.53
CA ILE A 697 -4.99 -26.75 -14.88
C ILE A 697 -4.26 -28.08 -14.78
N GLN A 698 -3.57 -28.43 -15.85
CA GLN A 698 -2.77 -29.62 -15.84
C GLN A 698 -1.31 -29.21 -15.92
N LEU A 699 -0.54 -29.47 -14.87
CA LEU A 699 0.83 -28.94 -14.86
C LEU A 699 1.78 -29.52 -15.91
N THR A 700 1.68 -30.82 -16.17
CA THR A 700 2.55 -31.43 -17.16
C THR A 700 1.76 -32.46 -17.95
N GLN A 701 2.40 -33.04 -18.96
CA GLN A 701 1.79 -34.02 -19.86
C GLN A 701 1.18 -35.20 -19.10
N ASP A 702 1.86 -35.69 -18.09
CA ASP A 702 1.40 -36.86 -17.31
C ASP A 702 0.36 -36.59 -16.22
N SER A 703 0.26 -35.33 -15.80
CA SER A 703 -0.42 -35.03 -14.55
C SER A 703 -1.94 -34.85 -14.63
N PRO A 704 -2.59 -34.86 -13.48
CA PRO A 704 -4.02 -34.70 -13.36
C PRO A 704 -4.50 -33.30 -13.83
N HIS A 705 -5.70 -33.28 -14.40
CA HIS A 705 -6.33 -32.00 -14.73
C HIS A 705 -6.96 -31.57 -13.39
N VAL A 706 -6.27 -30.65 -12.69
CA VAL A 706 -6.73 -30.23 -11.36
C VAL A 706 -7.88 -29.24 -11.45
N PRO A 707 -9.04 -29.49 -10.84
CA PRO A 707 -10.16 -28.55 -10.90
C PRO A 707 -9.80 -27.20 -10.30
N VAL A 708 -9.89 -26.17 -11.13
CA VAL A 708 -9.62 -24.77 -10.71
C VAL A 708 -10.63 -23.99 -11.54
N HIS A 709 -11.68 -23.50 -10.91
CA HIS A 709 -12.71 -22.81 -11.68
C HIS A 709 -12.88 -21.36 -11.28
N PHE A 710 -12.89 -20.45 -12.24
CA PHE A 710 -13.20 -19.05 -11.97
C PHE A 710 -14.74 -18.88 -12.06
N LYS A 711 -15.30 -18.08 -11.16
CA LYS A 711 -16.70 -17.77 -11.15
C LYS A 711 -16.88 -16.35 -10.69
N PHE A 712 -17.77 -15.58 -11.30
CA PHE A 712 -18.09 -14.25 -10.86
C PHE A 712 -19.42 -14.22 -10.15
N LEU A 713 -19.48 -13.54 -9.03
CA LEU A 713 -20.70 -13.46 -8.23
C LEU A 713 -20.94 -12.04 -7.78
N LYS A 714 -22.11 -11.80 -7.22
CA LYS A 714 -22.43 -10.48 -6.71
C LYS A 714 -22.96 -10.51 -5.30
N TYR A 715 -22.52 -9.56 -4.50
CA TYR A 715 -23.07 -9.31 -3.19
C TYR A 715 -23.99 -8.10 -3.31
N GLY A 716 -25.04 -8.10 -2.47
CA GLY A 716 -25.97 -6.97 -2.42
C GLY A 716 -25.85 -6.24 -1.08
N VAL A 717 -26.85 -5.42 -0.78
CA VAL A 717 -26.86 -4.59 0.43
C VAL A 717 -28.15 -4.89 1.20
N ARG A 718 -28.13 -4.67 2.50
CA ARG A 718 -29.30 -4.96 3.37
C ARG A 718 -30.41 -3.99 3.12
N SER A 719 -31.65 -4.49 3.13
CA SER A 719 -32.78 -3.61 2.85
C SER A 719 -33.32 -2.89 4.09
N HIS A 720 -32.84 -3.28 5.26
CA HIS A 720 -33.18 -2.60 6.50
C HIS A 720 -31.93 -2.76 7.39
N GLY A 721 -31.75 -1.85 8.35
CA GLY A 721 -30.57 -1.94 9.19
C GLY A 721 -29.42 -1.22 8.49
N ASP A 722 -28.20 -1.47 8.96
CA ASP A 722 -27.01 -0.76 8.45
C ASP A 722 -26.67 -1.14 7.00
N ARG A 723 -26.36 -0.10 6.23
CA ARG A 723 -26.02 -0.21 4.83
C ARG A 723 -24.51 -0.14 4.59
N SER A 724 -24.06 -0.96 3.64
CA SER A 724 -22.70 -0.92 3.15
C SER A 724 -22.44 0.48 2.59
N GLY A 725 -21.18 0.93 2.71
CA GLY A 725 -20.77 2.23 2.15
C GLY A 725 -19.27 2.15 1.84
N ALA A 726 -18.60 3.29 1.68
CA ALA A 726 -17.19 3.26 1.37
C ALA A 726 -16.33 2.49 2.36
N TYR A 727 -16.69 2.53 3.65
CA TYR A 727 -15.93 1.85 4.70
C TYR A 727 -16.40 0.43 4.97
N LEU A 728 -17.72 0.29 5.14
CA LEU A 728 -18.31 -0.96 5.63
C LEU A 728 -18.80 -1.88 4.57
N PHE A 729 -18.55 -3.17 4.79
CA PHE A 729 -19.08 -4.24 3.93
C PHE A 729 -20.13 -4.97 4.81
N LEU A 730 -21.40 -4.81 4.42
CA LEU A 730 -22.55 -5.38 5.19
C LEU A 730 -23.43 -6.12 4.19
N PRO A 731 -22.94 -7.25 3.68
CA PRO A 731 -23.70 -8.00 2.69
C PRO A 731 -25.01 -8.54 3.17
N ASN A 732 -25.90 -8.68 2.19
CA ASN A 732 -27.21 -9.30 2.50
C ASN A 732 -27.06 -10.79 2.25
N GLY A 733 -26.13 -11.44 2.90
CA GLY A 733 -25.90 -12.87 2.73
C GLY A 733 -24.82 -13.22 1.71
N PRO A 734 -24.51 -14.51 1.54
CA PRO A 734 -23.51 -14.98 0.58
C PRO A 734 -23.84 -14.48 -0.83
N ALA A 735 -22.79 -14.36 -1.63
CA ALA A 735 -22.94 -13.89 -3.00
C ALA A 735 -23.73 -14.83 -3.90
N SER A 736 -24.38 -14.23 -4.90
CA SER A 736 -25.18 -14.98 -5.89
C SER A 736 -24.43 -14.94 -7.21
N PRO A 737 -24.46 -16.03 -7.99
CA PRO A 737 -23.73 -16.02 -9.27
C PRO A 737 -24.24 -14.94 -10.22
N VAL A 738 -23.33 -14.29 -10.93
CA VAL A 738 -23.73 -13.35 -12.00
C VAL A 738 -24.34 -14.26 -13.12
N GLU A 739 -25.49 -13.87 -13.63
CA GLU A 739 -26.18 -14.61 -14.72
C GLU A 739 -25.38 -14.24 -15.98
N LEU A 740 -24.77 -15.23 -16.62
CA LEU A 740 -23.86 -14.96 -17.74
C LEU A 740 -24.47 -14.90 -19.13
N GLY A 741 -25.65 -15.48 -19.28
CA GLY A 741 -26.23 -15.53 -20.63
C GLY A 741 -25.39 -16.47 -21.51
N GLN A 742 -25.28 -16.19 -22.80
CA GLN A 742 -24.37 -16.96 -23.64
C GLN A 742 -23.28 -15.99 -24.11
N PRO A 743 -22.25 -15.81 -23.30
CA PRO A 743 -21.24 -14.82 -23.68
C PRO A 743 -20.33 -15.12 -24.87
N VAL A 744 -19.85 -14.05 -25.50
CA VAL A 744 -18.93 -14.18 -26.64
C VAL A 744 -17.53 -14.45 -26.11
N VAL A 745 -16.90 -15.48 -26.62
CA VAL A 745 -15.56 -15.92 -26.19
C VAL A 745 -14.57 -15.80 -27.32
N LEU A 746 -13.42 -15.14 -27.13
CA LEU A 746 -12.41 -14.98 -28.14
C LEU A 746 -11.17 -15.72 -27.77
N VAL A 747 -10.72 -16.62 -28.60
CA VAL A 747 -9.52 -17.42 -28.35
C VAL A 747 -8.43 -17.03 -29.31
N THR A 748 -7.26 -16.62 -28.82
CA THR A 748 -6.14 -16.30 -29.67
C THR A 748 -5.06 -17.29 -29.37
N LYS A 749 -4.55 -18.00 -30.37
CA LYS A 749 -3.53 -19.03 -30.15
C LYS A 749 -2.28 -18.68 -30.89
N GLY A 750 -1.19 -18.51 -30.15
CA GLY A 750 0.08 -18.18 -30.75
C GLY A 750 1.21 -19.00 -30.15
N LYS A 751 2.35 -18.96 -30.86
CA LYS A 751 3.51 -19.68 -30.40
C LYS A 751 4.07 -19.10 -29.09
N LEU A 752 4.05 -17.78 -28.96
CA LEU A 752 4.60 -17.12 -27.74
C LEU A 752 3.54 -16.76 -26.70
N GLU A 753 2.32 -16.50 -27.14
CA GLU A 753 1.27 -16.06 -26.22
C GLU A 753 -0.08 -16.49 -26.76
N SER A 754 -0.90 -17.02 -25.89
CA SER A 754 -2.28 -17.40 -26.25
C SER A 754 -3.19 -16.81 -25.19
N SER A 755 -4.48 -16.68 -25.49
CA SER A 755 -5.38 -16.15 -24.50
C SER A 755 -6.82 -16.49 -24.79
N VAL A 756 -7.65 -16.48 -23.76
CA VAL A 756 -9.10 -16.70 -23.85
C VAL A 756 -9.70 -15.45 -23.19
N SER A 757 -10.56 -14.74 -23.89
CA SER A 757 -11.21 -13.54 -23.33
C SER A 757 -12.70 -13.68 -23.47
N VAL A 758 -13.47 -13.24 -22.49
CA VAL A 758 -14.94 -13.38 -22.57
C VAL A 758 -15.61 -12.13 -22.07
N GLY A 759 -16.64 -11.69 -22.76
CA GLY A 759 -17.37 -10.49 -22.36
C GLY A 759 -18.52 -10.82 -21.47
N LEU A 760 -18.33 -10.77 -20.17
CA LEU A 760 -19.36 -11.03 -19.18
C LEU A 760 -20.00 -9.76 -18.74
N PRO A 761 -21.15 -9.82 -18.10
CA PRO A 761 -21.77 -8.58 -17.64
C PRO A 761 -20.81 -7.95 -16.58
N SER A 762 -20.49 -6.70 -16.81
CA SER A 762 -19.58 -5.87 -16.03
C SER A 762 -18.12 -6.25 -16.09
N VAL A 763 -17.73 -7.31 -16.77
CA VAL A 763 -16.34 -7.68 -16.78
C VAL A 763 -15.88 -8.33 -18.07
N VAL A 764 -14.85 -7.79 -18.70
CA VAL A 764 -14.21 -8.55 -19.79
C VAL A 764 -13.08 -9.29 -19.08
N HIS A 765 -13.16 -10.61 -19.05
CA HIS A 765 -12.26 -11.45 -18.26
C HIS A 765 -11.32 -12.13 -19.24
N GLN A 766 -10.02 -12.05 -19.00
CA GLN A 766 -9.01 -12.55 -19.92
C GLN A 766 -7.97 -13.41 -19.22
N THR A 767 -7.74 -14.61 -19.75
CA THR A 767 -6.70 -15.50 -19.24
C THR A 767 -5.61 -15.58 -20.29
N ILE A 768 -4.40 -15.18 -19.96
CA ILE A 768 -3.26 -15.10 -20.88
C ILE A 768 -2.20 -16.08 -20.51
N MET A 769 -1.70 -16.82 -21.49
CA MET A 769 -0.69 -17.86 -21.30
C MET A 769 0.57 -17.55 -22.08
N ARG A 770 1.72 -17.60 -21.41
CA ARG A 770 2.98 -17.34 -22.05
C ARG A 770 3.98 -18.43 -21.74
N GLY A 771 3.52 -19.52 -21.18
CA GLY A 771 4.45 -20.58 -20.90
C GLY A 771 4.62 -20.94 -19.48
N GLY A 772 4.16 -20.07 -18.57
CA GLY A 772 4.23 -20.36 -17.13
C GLY A 772 2.84 -20.15 -16.52
N ALA A 773 2.78 -19.71 -15.27
CA ALA A 773 1.49 -19.45 -14.65
C ALA A 773 0.74 -18.40 -15.46
N PRO A 774 -0.54 -18.60 -15.66
CA PRO A 774 -1.27 -17.60 -16.45
C PRO A 774 -1.37 -16.23 -15.80
N GLU A 775 -1.64 -15.26 -16.63
CA GLU A 775 -1.93 -13.90 -16.19
C GLU A 775 -3.42 -13.72 -16.38
N ILE A 776 -4.12 -13.15 -15.42
CA ILE A 776 -5.55 -12.86 -15.55
C ILE A 776 -5.72 -11.36 -15.62
N ARG A 777 -6.52 -10.87 -16.55
CA ARG A 777 -6.84 -9.43 -16.59
C ARG A 777 -8.34 -9.28 -16.59
N ASN A 778 -8.89 -8.43 -15.74
CA ASN A 778 -10.31 -8.16 -15.78
C ASN A 778 -10.53 -6.67 -16.05
N LEU A 779 -11.27 -6.36 -17.12
CA LEU A 779 -11.65 -4.93 -17.37
C LEU A 779 -13.01 -4.82 -16.73
N VAL A 780 -13.03 -4.18 -15.56
CA VAL A 780 -14.25 -4.14 -14.74
C VAL A 780 -15.01 -2.82 -14.89
N ASP A 781 -16.24 -2.91 -15.37
CA ASP A 781 -17.10 -1.71 -15.50
C ASP A 781 -18.44 -2.01 -14.89
N ILE A 782 -18.61 -1.71 -13.62
CA ILE A 782 -19.83 -2.02 -12.87
C ILE A 782 -20.99 -1.17 -13.36
N GLY A 783 -20.70 -0.19 -14.19
CA GLY A 783 -21.80 0.54 -14.86
C GLY A 783 -22.75 1.19 -13.89
N SER A 784 -24.03 0.97 -14.11
CA SER A 784 -25.02 1.59 -13.23
C SER A 784 -25.61 0.60 -12.24
N LEU A 785 -24.92 -0.52 -11.95
CA LEU A 785 -25.46 -1.50 -11.02
C LEU A 785 -25.37 -1.06 -9.55
N ASP A 786 -26.36 -0.29 -9.08
CA ASP A 786 -26.33 0.20 -7.72
C ASP A 786 -26.46 -0.98 -6.70
N ASN A 787 -25.85 -0.70 -5.56
CA ASN A 787 -25.85 -1.61 -4.43
C ASN A 787 -25.42 -3.02 -4.80
N THR A 788 -24.29 -3.07 -5.52
CA THR A 788 -23.74 -4.33 -5.96
C THR A 788 -22.19 -4.36 -5.74
N GLU A 789 -21.68 -5.49 -5.29
CA GLU A 789 -20.22 -5.67 -5.18
C GLU A 789 -19.93 -6.90 -6.04
N ILE A 790 -19.03 -6.78 -7.01
CA ILE A 790 -18.71 -7.89 -7.89
C ILE A 790 -17.46 -8.61 -7.36
N VAL A 791 -17.56 -9.90 -7.16
CA VAL A 791 -16.44 -10.69 -6.67
C VAL A 791 -16.00 -11.74 -7.65
N MET A 792 -14.70 -11.98 -7.73
CA MET A 792 -14.14 -13.05 -8.54
C MET A 792 -13.73 -14.16 -7.58
N ARG A 793 -14.30 -15.36 -7.75
CA ARG A 793 -13.99 -16.50 -6.87
C ARG A 793 -13.31 -17.59 -7.66
N LEU A 794 -12.39 -18.27 -7.00
CA LEU A 794 -11.74 -19.50 -7.50
C LEU A 794 -12.24 -20.67 -6.65
N GLU A 795 -12.74 -21.70 -7.32
CA GLU A 795 -13.25 -22.90 -6.63
C GLU A 795 -12.33 -24.05 -6.97
N THR A 796 -11.76 -24.68 -5.92
CA THR A 796 -10.88 -25.82 -6.11
C THR A 796 -11.37 -26.88 -5.11
N HIS A 797 -10.68 -28.00 -5.19
CA HIS A 797 -10.97 -29.11 -4.23
C HIS A 797 -9.82 -29.24 -3.25
N ILE A 798 -8.91 -28.24 -3.14
CA ILE A 798 -7.82 -28.25 -2.17
C ILE A 798 -8.45 -28.28 -0.77
N ASP A 799 -7.93 -29.20 0.09
CA ASP A 799 -8.48 -29.35 1.42
C ASP A 799 -7.84 -28.39 2.43
N SER A 800 -8.16 -27.11 2.24
CA SER A 800 -7.59 -26.05 3.07
C SER A 800 -8.34 -25.88 4.35
N GLY A 801 -9.55 -26.39 4.47
CA GLY A 801 -10.30 -26.25 5.71
C GLY A 801 -10.68 -24.82 5.97
N ASP A 802 -10.27 -24.27 7.10
CA ASP A 802 -10.56 -22.88 7.48
C ASP A 802 -9.31 -22.01 7.41
N ILE A 803 -8.25 -22.46 6.77
CA ILE A 803 -6.98 -21.70 6.76
C ILE A 803 -6.74 -21.09 5.38
N PHE A 804 -6.23 -19.84 5.35
CA PHE A 804 -5.80 -19.22 4.13
C PHE A 804 -4.71 -18.19 4.52
N TYR A 805 -4.03 -17.66 3.54
CA TYR A 805 -2.94 -16.72 3.80
C TYR A 805 -3.13 -15.48 2.94
N THR A 806 -2.88 -14.33 3.55
CA THR A 806 -2.97 -13.04 2.82
C THR A 806 -1.74 -12.24 3.14
N ASP A 807 -1.34 -11.32 2.28
CA ASP A 807 -0.17 -10.54 2.62
C ASP A 807 -0.48 -9.24 3.37
N LEU A 808 0.56 -8.74 4.02
CA LEU A 808 0.48 -7.40 4.68
C LEU A 808 1.45 -6.47 3.99
N ASN A 809 0.88 -5.50 3.28
CA ASN A 809 1.65 -4.43 2.66
C ASN A 809 2.68 -4.92 1.66
N GLY A 810 2.45 -6.09 1.06
CA GLY A 810 3.44 -6.59 0.08
C GLY A 810 4.74 -7.04 0.75
N LEU A 811 4.77 -7.14 2.07
CA LEU A 811 5.99 -7.46 2.79
C LEU A 811 6.06 -8.88 3.36
N GLN A 812 4.93 -9.43 3.78
CA GLN A 812 4.90 -10.72 4.48
C GLN A 812 3.56 -11.35 4.33
N PHE A 813 3.50 -12.68 4.43
CA PHE A 813 2.24 -13.39 4.39
C PHE A 813 1.87 -13.88 5.76
N ILE A 814 0.65 -13.62 6.15
CA ILE A 814 0.17 -13.98 7.46
C ILE A 814 -0.94 -15.02 7.36
N LYS A 815 -0.90 -15.99 8.28
CA LYS A 815 -1.95 -17.02 8.33
C LYS A 815 -3.25 -16.43 8.87
N ARG A 816 -4.34 -16.72 8.16
CA ARG A 816 -5.67 -16.36 8.52
C ARG A 816 -6.49 -17.62 8.82
N ARG A 817 -7.42 -17.49 9.76
CA ARG A 817 -8.33 -18.60 10.01
C ARG A 817 -9.74 -18.05 9.88
N ARG A 818 -10.52 -18.63 8.97
CA ARG A 818 -11.91 -18.25 8.81
C ARG A 818 -12.64 -18.64 10.10
N LEU A 819 -13.41 -17.71 10.68
CA LEU A 819 -14.14 -17.95 11.94
C LEU A 819 -15.63 -17.86 11.72
N ASP A 820 -16.30 -19.01 11.84
CA ASP A 820 -17.73 -18.97 11.63
C ASP A 820 -18.47 -18.29 12.77
N LYS A 821 -17.79 -18.01 13.91
CA LYS A 821 -18.43 -17.25 14.97
C LYS A 821 -18.50 -15.75 14.62
N LEU A 822 -17.82 -15.34 13.53
CA LEU A 822 -17.84 -13.92 13.08
C LEU A 822 -18.63 -13.88 11.75
N PRO A 823 -19.25 -12.74 11.44
CA PRO A 823 -20.00 -12.63 10.18
C PRO A 823 -19.06 -12.64 8.95
N LEU A 824 -19.66 -12.87 7.77
CA LEU A 824 -18.91 -12.97 6.54
C LEU A 824 -17.90 -11.81 6.35
N GLN A 825 -18.38 -10.58 6.57
CA GLN A 825 -17.54 -9.39 6.34
C GLN A 825 -16.32 -9.33 7.27
N ALA A 826 -16.37 -10.00 8.44
CA ALA A 826 -15.21 -10.01 9.34
C ALA A 826 -14.15 -10.95 8.82
N ASN A 827 -14.51 -11.90 7.92
CA ASN A 827 -13.55 -12.85 7.38
C ASN A 827 -12.87 -12.36 6.10
N TYR A 828 -13.24 -11.15 5.68
CA TYR A 828 -12.54 -10.42 4.62
C TYR A 828 -11.30 -9.69 5.17
N TYR A 829 -10.20 -9.78 4.42
CA TYR A 829 -8.95 -9.17 4.79
C TYR A 829 -8.38 -8.42 3.62
N PRO A 830 -7.42 -7.50 3.85
CA PRO A 830 -6.82 -6.81 2.71
C PRO A 830 -6.00 -7.84 1.93
N ILE A 831 -6.00 -7.69 0.61
CA ILE A 831 -5.16 -8.50 -0.30
C ILE A 831 -4.30 -7.46 -1.00
N PRO A 832 -3.28 -6.92 -0.32
CA PRO A 832 -2.47 -5.90 -0.97
C PRO A 832 -1.66 -6.39 -2.11
N SER A 833 -1.23 -7.65 -2.12
CA SER A 833 -0.44 -8.19 -3.22
C SER A 833 -0.65 -9.70 -3.48
N GLY A 834 -1.25 -10.44 -2.54
CA GLY A 834 -1.48 -11.86 -2.87
C GLY A 834 -2.12 -12.60 -1.76
N MET A 835 -2.60 -13.80 -2.13
CA MET A 835 -3.27 -14.69 -1.17
C MET A 835 -3.10 -16.13 -1.66
N PHE A 836 -3.20 -17.08 -0.72
CA PHE A 836 -3.12 -18.49 -1.14
C PHE A 836 -3.82 -19.37 -0.17
N ILE A 837 -4.17 -20.56 -0.70
CA ILE A 837 -4.70 -21.70 0.09
C ILE A 837 -3.87 -22.90 -0.26
N GLU A 838 -3.76 -23.82 0.72
CA GLU A 838 -3.00 -25.04 0.45
C GLU A 838 -3.44 -26.18 1.39
N ASP A 839 -3.12 -27.39 0.92
CA ASP A 839 -3.27 -28.57 1.79
C ASP A 839 -1.86 -29.22 1.82
N ALA A 840 -1.81 -30.51 2.20
CA ALA A 840 -0.51 -31.15 2.27
C ALA A 840 0.20 -31.22 0.95
N ASN A 841 -0.56 -31.28 -0.14
CA ASN A 841 0.07 -31.48 -1.45
C ASN A 841 0.06 -30.38 -2.49
N THR A 842 -0.97 -29.56 -2.41
CA THR A 842 -1.26 -28.57 -3.43
C THR A 842 -1.50 -27.18 -2.84
N ARG A 843 -1.02 -26.20 -3.59
CA ARG A 843 -1.24 -24.78 -3.24
C ARG A 843 -1.76 -23.99 -4.47
N LEU A 844 -2.68 -23.09 -4.22
CA LEU A 844 -3.12 -22.16 -5.27
C LEU A 844 -2.85 -20.74 -4.72
N THR A 845 -2.02 -20.01 -5.45
CA THR A 845 -1.68 -18.62 -5.06
C THR A 845 -2.21 -17.67 -6.16
N LEU A 846 -2.88 -16.61 -5.72
CA LEU A 846 -3.36 -15.56 -6.63
C LEU A 846 -2.55 -14.29 -6.27
N LEU A 847 -1.71 -13.80 -7.17
CA LEU A 847 -0.93 -12.55 -6.95
C LEU A 847 -1.73 -11.43 -7.62
N THR A 848 -1.68 -10.23 -7.01
CA THR A 848 -2.44 -9.08 -7.55
C THR A 848 -1.56 -7.88 -7.88
N GLY A 849 -2.00 -7.14 -8.89
CA GLY A 849 -1.35 -5.89 -9.28
C GLY A 849 -2.00 -4.67 -8.61
N GLN A 850 -2.90 -4.87 -7.66
CA GLN A 850 -3.61 -3.79 -6.98
C GLN A 850 -4.19 -4.34 -5.69
N PRO A 851 -4.29 -3.51 -4.66
CA PRO A 851 -4.87 -4.00 -3.39
C PRO A 851 -6.37 -4.05 -3.51
N LEU A 852 -6.96 -5.17 -3.07
CA LEU A 852 -8.40 -5.40 -3.09
C LEU A 852 -8.76 -6.23 -1.85
N GLY A 853 -10.03 -6.36 -1.52
CA GLY A 853 -10.42 -7.18 -0.40
C GLY A 853 -10.70 -8.62 -0.78
N GLY A 854 -10.48 -9.56 0.13
CA GLY A 854 -10.74 -10.94 -0.24
C GLY A 854 -10.77 -11.87 0.93
N SER A 855 -11.05 -13.13 0.64
CA SER A 855 -11.20 -14.10 1.70
C SER A 855 -11.18 -15.51 1.09
N SER A 856 -11.30 -16.48 2.02
CA SER A 856 -11.56 -17.91 1.65
C SER A 856 -12.77 -18.27 2.53
N LEU A 857 -13.98 -18.23 1.98
CA LEU A 857 -15.19 -18.45 2.78
C LEU A 857 -15.59 -19.92 2.93
N ALA A 858 -14.90 -20.79 2.21
CA ALA A 858 -15.09 -22.22 2.32
C ALA A 858 -13.81 -22.92 1.88
N SER A 859 -13.60 -24.11 2.42
CA SER A 859 -12.47 -24.90 2.05
C SER A 859 -12.34 -25.00 0.55
N GLY A 860 -11.14 -24.82 0.06
CA GLY A 860 -10.88 -24.91 -1.36
C GLY A 860 -11.16 -23.62 -2.16
N GLU A 861 -11.66 -22.57 -1.51
CA GLU A 861 -11.97 -21.33 -2.26
C GLU A 861 -11.07 -20.18 -1.99
N LEU A 862 -10.95 -19.31 -2.99
CA LEU A 862 -10.28 -17.98 -2.77
C LEU A 862 -11.27 -17.01 -3.42
N GLU A 863 -11.41 -15.79 -2.93
CA GLU A 863 -12.21 -14.82 -3.66
C GLU A 863 -11.65 -13.43 -3.41
N ILE A 864 -11.84 -12.57 -4.39
CA ILE A 864 -11.30 -11.18 -4.31
C ILE A 864 -12.28 -10.24 -4.97
N MET A 865 -12.63 -9.16 -4.25
CA MET A 865 -13.61 -8.21 -4.74
C MET A 865 -13.00 -7.36 -5.85
N GLN A 866 -13.80 -7.11 -6.90
CA GLN A 866 -13.36 -6.35 -8.07
C GLN A 866 -13.75 -4.88 -8.02
N ASP A 867 -15.04 -4.63 -7.68
CA ASP A 867 -15.53 -3.26 -7.51
C ASP A 867 -16.80 -3.29 -6.71
N ARG A 868 -17.21 -2.15 -6.21
CA ARG A 868 -18.44 -2.04 -5.44
C ARG A 868 -19.07 -0.68 -5.69
N ARG A 869 -20.39 -0.66 -5.87
CA ARG A 869 -21.13 0.58 -6.17
C ARG A 869 -22.26 0.61 -5.17
N LEU A 870 -22.25 1.63 -4.33
CA LEU A 870 -23.17 1.73 -3.15
C LEU A 870 -23.90 3.02 -3.14
N ALA A 871 -25.23 2.94 -3.05
CA ALA A 871 -26.00 4.19 -3.09
C ALA A 871 -26.10 4.90 -1.75
N SER A 872 -25.87 4.20 -0.67
CA SER A 872 -26.01 4.81 0.66
C SER A 872 -24.71 5.14 1.34
N ASP A 873 -24.78 6.13 2.22
CA ASP A 873 -23.68 6.55 3.08
C ASP A 873 -23.69 5.58 4.27
N ASP A 874 -22.52 5.26 4.81
CA ASP A 874 -22.41 4.32 5.95
C ASP A 874 -22.12 4.98 7.28
N GLU A 875 -22.46 6.26 7.38
CA GLU A 875 -22.46 6.92 8.69
C GLU A 875 -21.17 7.05 9.43
N ARG A 876 -20.08 7.21 8.69
CA ARG A 876 -18.78 7.46 9.32
C ARG A 876 -18.25 8.84 8.97
N GLY A 877 -19.06 9.69 8.34
CA GLY A 877 -18.67 11.07 8.08
C GLY A 877 -18.44 11.43 6.63
N LEU A 878 -18.39 10.45 5.74
CA LEU A 878 -18.12 10.77 4.34
C LEU A 878 -19.29 11.49 3.69
N GLY A 879 -20.50 11.14 4.11
CA GLY A 879 -21.72 11.81 3.61
C GLY A 879 -22.07 11.53 2.16
N GLN A 880 -21.61 10.42 1.62
CA GLN A 880 -21.99 10.02 0.28
C GLN A 880 -21.79 8.52 0.15
N GLY A 881 -22.45 7.91 -0.85
CA GLY A 881 -22.18 6.51 -1.17
C GLY A 881 -20.99 6.50 -2.14
N VAL A 882 -20.87 5.41 -2.89
CA VAL A 882 -19.78 5.26 -3.86
C VAL A 882 -20.50 5.01 -5.17
N LEU A 883 -20.62 6.09 -5.93
CA LEU A 883 -21.36 6.05 -7.23
C LEU A 883 -20.53 6.62 -8.36
N ASP A 884 -19.24 6.75 -8.15
CA ASP A 884 -18.28 7.32 -9.08
C ASP A 884 -17.35 6.31 -9.74
N ASN A 885 -17.82 5.09 -9.86
CA ASN A 885 -17.04 4.03 -10.47
C ASN A 885 -16.64 4.38 -11.87
N LYS A 886 -15.51 3.84 -12.29
CA LYS A 886 -15.05 3.98 -13.66
C LYS A 886 -14.33 2.69 -14.06
N PRO A 887 -14.23 2.41 -15.36
CA PRO A 887 -13.57 1.18 -15.78
C PRO A 887 -12.17 1.08 -15.27
N VAL A 888 -11.80 -0.11 -14.78
CA VAL A 888 -10.46 -0.36 -14.26
C VAL A 888 -9.97 -1.69 -14.77
N LEU A 889 -8.71 -1.78 -15.13
CA LEU A 889 -8.12 -3.06 -15.55
C LEU A 889 -7.30 -3.69 -14.40
N HIS A 890 -7.91 -4.67 -13.75
CA HIS A 890 -7.23 -5.40 -12.67
C HIS A 890 -6.35 -6.49 -13.26
N ILE A 891 -5.19 -6.71 -12.68
CA ILE A 891 -4.27 -7.74 -13.22
C ILE A 891 -3.85 -8.70 -12.12
N TYR A 892 -3.58 -9.93 -12.50
CA TYR A 892 -3.25 -11.01 -11.58
C TYR A 892 -2.37 -12.07 -12.20
N ARG A 893 -1.75 -12.88 -11.33
CA ARG A 893 -1.11 -14.15 -11.85
C ARG A 893 -1.69 -15.24 -10.97
N LEU A 894 -1.92 -16.42 -11.58
CA LEU A 894 -2.54 -17.57 -10.90
C LEU A 894 -1.56 -18.72 -10.93
N VAL A 895 -1.03 -19.10 -9.76
CA VAL A 895 0.00 -20.12 -9.67
C VAL A 895 -0.47 -21.34 -8.90
N LEU A 896 -0.68 -22.46 -9.60
CA LEU A 896 -1.03 -23.74 -9.00
C LEU A 896 0.28 -24.53 -8.90
N GLU A 897 0.58 -25.07 -7.70
CA GLU A 897 1.84 -25.80 -7.50
C GLU A 897 1.69 -26.95 -6.56
N LYS A 898 2.56 -27.93 -6.77
CA LYS A 898 2.71 -29.04 -5.81
C LYS A 898 3.63 -28.56 -4.71
N VAL A 899 3.21 -28.75 -3.47
CA VAL A 899 4.00 -28.30 -2.35
C VAL A 899 4.36 -29.39 -1.33
N ASN A 900 4.13 -30.64 -1.70
CA ASN A 900 4.39 -31.75 -0.77
C ASN A 900 5.91 -31.85 -0.43
N ASN A 901 6.77 -31.34 -1.29
CA ASN A 901 8.19 -31.40 -1.06
C ASN A 901 8.75 -30.14 -0.39
N CYS A 902 7.93 -29.13 -0.19
CA CYS A 902 8.43 -27.87 0.36
C CYS A 902 8.61 -27.92 1.85
N VAL A 903 9.68 -27.30 2.31
CA VAL A 903 9.89 -27.17 3.78
C VAL A 903 9.05 -25.97 4.29
N ARG A 904 7.91 -26.25 4.86
CA ARG A 904 6.97 -25.24 5.33
C ARG A 904 7.02 -25.10 6.84
N PRO A 905 6.53 -23.97 7.38
CA PRO A 905 6.49 -23.77 8.82
C PRO A 905 5.59 -24.84 9.44
N SER A 906 5.78 -25.07 10.75
CA SER A 906 4.90 -26.00 11.44
C SER A 906 3.49 -25.44 11.55
N LYS A 907 2.57 -26.31 11.97
CA LYS A 907 1.17 -25.92 12.09
C LYS A 907 0.93 -24.77 13.01
N LEU A 908 1.78 -24.58 13.98
CA LEU A 908 1.54 -23.49 14.92
C LEU A 908 2.20 -22.17 14.52
N HIS A 909 2.95 -22.14 13.44
CA HIS A 909 3.64 -20.91 13.04
C HIS A 909 2.59 -19.94 12.41
N PRO A 910 2.66 -18.66 12.74
CA PRO A 910 1.69 -17.69 12.20
C PRO A 910 1.96 -17.16 10.82
N ALA A 911 3.11 -17.47 10.24
CA ALA A 911 3.43 -16.97 8.87
C ALA A 911 3.35 -18.03 7.81
N GLY A 912 3.30 -17.54 6.56
CA GLY A 912 3.45 -18.38 5.39
C GLY A 912 4.46 -17.74 4.44
N TYR A 913 4.95 -18.46 3.45
CA TYR A 913 5.98 -17.96 2.55
C TYR A 913 5.69 -18.42 1.13
N LEU A 914 5.99 -17.55 0.18
CA LEU A 914 5.81 -17.90 -1.22
C LEU A 914 6.92 -18.80 -1.73
N THR A 915 6.61 -19.49 -2.83
CA THR A 915 7.58 -20.22 -3.62
C THR A 915 8.28 -19.24 -4.57
N SER A 916 9.38 -19.68 -5.18
CA SER A 916 10.04 -18.89 -6.17
C SER A 916 9.13 -18.48 -7.31
N ALA A 917 8.34 -19.39 -7.84
CA ALA A 917 7.52 -19.02 -8.99
C ALA A 917 6.49 -17.98 -8.59
N ALA A 918 5.92 -18.10 -7.40
CA ALA A 918 4.91 -17.09 -6.99
C ALA A 918 5.53 -15.73 -6.74
N HIS A 919 6.73 -15.69 -6.16
CA HIS A 919 7.36 -14.42 -5.91
C HIS A 919 7.70 -13.78 -7.26
N LYS A 920 8.27 -14.54 -8.20
CA LYS A 920 8.57 -13.96 -9.52
C LYS A 920 7.29 -13.49 -10.19
N ALA A 921 6.18 -14.22 -10.03
CA ALA A 921 4.92 -13.77 -10.64
C ALA A 921 4.45 -12.44 -10.01
N SER A 922 4.63 -12.27 -8.69
CA SER A 922 4.27 -11.00 -8.05
C SER A 922 5.15 -9.87 -8.61
N GLN A 923 6.45 -10.13 -8.76
CA GLN A 923 7.33 -9.10 -9.34
C GLN A 923 6.92 -8.75 -10.76
N SER A 924 6.41 -9.71 -11.54
CA SER A 924 6.01 -9.44 -12.93
C SER A 924 4.83 -8.48 -13.00
N LEU A 925 4.04 -8.46 -11.93
CA LEU A 925 2.87 -7.56 -11.85
C LEU A 925 3.26 -6.19 -11.30
N LEU A 926 4.08 -6.17 -10.25
CA LEU A 926 4.39 -4.89 -9.59
C LEU A 926 5.54 -4.15 -10.21
N ASP A 927 6.53 -4.85 -10.74
CA ASP A 927 7.71 -4.17 -11.31
C ASP A 927 8.06 -4.79 -12.66
N PRO A 928 7.16 -4.65 -13.63
CA PRO A 928 7.41 -5.20 -14.99
C PRO A 928 8.55 -4.46 -15.65
N LEU A 929 9.03 -4.97 -16.79
CA LEU A 929 9.92 -4.16 -17.58
C LEU A 929 9.23 -2.87 -18.03
N ASP A 930 10.00 -1.80 -18.10
CA ASP A 930 9.48 -0.52 -18.67
C ASP A 930 9.83 -0.51 -20.15
N LYS A 931 8.96 0.08 -20.96
CA LYS A 931 9.14 0.08 -22.41
C LYS A 931 9.19 1.51 -22.93
N PHE A 932 10.19 1.80 -23.76
CA PHE A 932 10.36 3.15 -24.30
C PHE A 932 10.41 3.08 -25.82
N ILE A 933 9.73 4.00 -26.48
CA ILE A 933 9.74 4.05 -27.94
C ILE A 933 10.49 5.30 -28.37
N PHE A 934 11.54 5.21 -29.18
CA PHE A 934 12.28 6.42 -29.59
C PHE A 934 11.32 7.31 -30.42
N ALA A 935 11.26 8.60 -30.08
CA ALA A 935 10.25 9.48 -30.62
C ALA A 935 10.52 10.13 -31.93
N GLU A 936 11.76 10.16 -32.38
CA GLU A 936 12.09 10.80 -33.66
C GLU A 936 12.51 9.75 -34.66
N ASN A 937 12.89 10.14 -35.87
CA ASN A 937 13.21 9.15 -36.87
C ASN A 937 14.49 8.39 -36.72
N GLU A 938 15.51 9.08 -36.22
CA GLU A 938 16.83 8.50 -36.12
C GLU A 938 17.50 8.86 -34.80
N TRP A 939 17.97 7.81 -34.12
CA TRP A 939 18.71 8.01 -32.84
C TRP A 939 20.18 7.92 -33.10
N ILE A 940 20.82 9.10 -33.18
CA ILE A 940 22.27 9.10 -33.45
C ILE A 940 23.11 8.67 -32.20
N GLY A 941 24.03 7.75 -32.38
CA GLY A 941 24.84 7.36 -31.23
C GLY A 941 24.23 6.30 -30.31
N ALA A 942 23.15 5.63 -30.75
CA ALA A 942 22.48 4.64 -29.95
C ALA A 942 23.33 3.45 -29.60
N GLN A 943 23.23 2.98 -28.36
CA GLN A 943 23.93 1.84 -27.88
C GLN A 943 22.98 0.68 -27.54
N GLY A 944 23.47 -0.53 -27.48
CA GLY A 944 22.63 -1.67 -27.35
C GLY A 944 22.21 -2.10 -25.97
N GLN A 945 22.99 -1.76 -24.96
CA GLN A 945 22.71 -2.26 -23.61
C GLN A 945 23.40 -1.39 -22.58
N PHE A 946 22.79 -1.36 -21.40
CA PHE A 946 23.41 -0.73 -20.21
C PHE A 946 23.23 -1.70 -19.05
N GLY A 947 24.28 -1.86 -18.22
CA GLY A 947 24.19 -2.72 -17.06
C GLY A 947 24.60 -4.15 -17.24
N GLY A 948 25.17 -4.54 -18.39
CA GLY A 948 25.60 -5.91 -18.56
C GLY A 948 26.63 -6.37 -17.53
N ASP A 949 27.36 -5.45 -16.93
CA ASP A 949 28.32 -5.80 -15.89
C ASP A 949 27.74 -5.70 -14.46
N HIS A 950 26.44 -5.37 -14.32
CA HIS A 950 25.83 -5.31 -12.98
C HIS A 950 25.67 -6.73 -12.43
N PRO A 951 25.94 -6.95 -11.14
CA PRO A 951 25.77 -8.28 -10.57
C PRO A 951 24.33 -8.75 -10.64
N SER A 952 24.13 -10.03 -10.89
CA SER A 952 22.80 -10.62 -10.95
C SER A 952 22.61 -11.32 -9.62
N ALA A 953 21.86 -10.67 -8.72
CA ALA A 953 21.70 -11.14 -7.35
C ALA A 953 20.73 -12.29 -7.19
N ARG A 954 20.87 -13.02 -6.09
CA ARG A 954 19.99 -14.13 -5.80
C ARG A 954 18.53 -13.64 -5.89
N GLU A 955 17.63 -14.52 -6.31
CA GLU A 955 16.26 -14.14 -6.64
C GLU A 955 15.47 -13.57 -5.49
N ASP A 956 15.83 -13.91 -4.25
CA ASP A 956 15.04 -13.37 -3.12
C ASP A 956 15.49 -11.98 -2.71
N LEU A 957 16.51 -11.42 -3.34
CA LEU A 957 17.00 -10.08 -2.96
C LEU A 957 16.50 -9.03 -3.94
N ASP A 958 16.09 -7.90 -3.41
CA ASP A 958 15.70 -6.77 -4.27
C ASP A 958 16.36 -5.50 -3.82
N VAL A 959 16.65 -4.62 -4.76
CA VAL A 959 17.06 -3.23 -4.49
C VAL A 959 15.77 -2.44 -4.58
N SER A 960 15.07 -2.32 -3.45
CA SER A 960 13.77 -1.68 -3.38
C SER A 960 13.84 -0.24 -3.73
N VAL A 961 14.93 0.44 -3.34
CA VAL A 961 15.12 1.85 -3.63
C VAL A 961 16.58 2.08 -4.00
N MET A 962 16.79 2.85 -5.08
CA MET A 962 18.09 3.41 -5.41
C MET A 962 17.80 4.90 -5.61
N ARG A 963 18.44 5.76 -4.83
CA ARG A 963 18.16 7.18 -4.86
C ARG A 963 19.43 8.00 -4.65
N ARG A 964 19.77 8.86 -5.63
CA ARG A 964 20.91 9.78 -5.35
C ARG A 964 20.40 10.83 -4.38
N LEU A 965 21.18 11.07 -3.33
CA LEU A 965 20.79 11.92 -2.20
C LEU A 965 21.39 13.33 -2.26
N THR A 966 22.32 13.53 -3.20
CA THR A 966 23.01 14.84 -3.36
C THR A 966 22.74 15.46 -4.71
N LYS A 967 22.71 16.79 -4.76
CA LYS A 967 22.58 17.55 -6.00
C LYS A 967 24.01 17.67 -6.58
N SER A 968 24.07 18.14 -7.83
CA SER A 968 25.37 18.14 -8.55
C SER A 968 26.43 19.05 -7.96
N SER A 969 26.04 20.02 -7.15
CA SER A 969 27.06 20.91 -6.54
C SER A 969 27.84 20.30 -5.37
N ALA A 970 27.41 19.15 -4.85
CA ALA A 970 28.10 18.51 -3.76
C ALA A 970 29.38 17.84 -4.19
N LYS A 971 30.48 18.22 -3.52
CA LYS A 971 31.76 17.63 -3.82
C LYS A 971 31.74 16.12 -3.58
N THR A 972 31.10 15.71 -2.47
CA THR A 972 31.03 14.29 -2.21
C THR A 972 29.58 13.84 -2.55
N GLN A 973 29.44 13.03 -3.58
CA GLN A 973 28.13 12.53 -3.98
C GLN A 973 27.72 11.37 -3.08
N ARG A 974 26.42 11.28 -2.81
CA ARG A 974 25.91 10.20 -1.99
C ARG A 974 24.74 9.52 -2.67
N VAL A 975 24.74 8.20 -2.62
CA VAL A 975 23.63 7.42 -3.22
C VAL A 975 23.13 6.45 -2.17
N GLY A 976 21.81 6.46 -1.98
CA GLY A 976 21.18 5.57 -1.00
C GLY A 976 20.50 4.36 -1.63
N TYR A 977 20.60 3.23 -0.96
CA TYR A 977 19.97 2.00 -1.42
C TYR A 977 19.21 1.36 -0.26
N VAL A 978 17.99 0.88 -0.55
CA VAL A 978 17.27 0.06 0.40
C VAL A 978 17.29 -1.38 -0.19
N LEU A 979 17.81 -2.32 0.58
CA LEU A 979 17.92 -3.71 0.16
C LEU A 979 16.97 -4.55 0.97
N HIS A 980 16.11 -5.32 0.31
CA HIS A 980 15.16 -6.20 1.00
C HIS A 980 15.34 -7.63 0.55
N ARG A 981 15.40 -8.55 1.50
CA ARG A 981 15.42 -9.96 1.13
C ARG A 981 14.16 -10.60 1.64
N THR A 982 13.40 -11.20 0.73
CA THR A 982 12.20 -11.93 1.21
C THR A 982 12.67 -13.36 1.63
N ASN A 983 11.71 -14.21 1.93
CA ASN A 983 12.08 -15.61 2.24
C ASN A 983 11.19 -16.52 1.36
N LEU A 984 11.85 -17.35 0.60
CA LEU A 984 11.17 -18.28 -0.35
C LEU A 984 11.29 -19.68 0.13
N MET A 985 10.28 -20.48 -0.10
CA MET A 985 10.34 -21.86 0.35
C MET A 985 11.36 -22.69 -0.38
N GLN A 986 11.98 -23.59 0.35
CA GLN A 986 12.86 -24.60 -0.20
C GLN A 986 11.98 -25.75 -0.66
N CYS A 987 11.95 -26.02 -1.96
CA CYS A 987 11.12 -27.13 -2.42
C CYS A 987 11.89 -28.13 -3.30
N GLY A 988 13.21 -28.15 -3.20
CA GLY A 988 13.93 -29.14 -4.00
C GLY A 988 14.57 -28.70 -5.29
N THR A 989 14.50 -27.42 -5.61
CA THR A 989 15.16 -26.93 -6.82
C THR A 989 16.59 -26.52 -6.50
N PRO A 990 17.57 -27.06 -7.19
CA PRO A 990 18.94 -26.60 -6.96
C PRO A 990 19.12 -25.08 -7.01
N GLU A 991 18.36 -24.34 -7.82
CA GLU A 991 18.51 -22.89 -7.95
C GLU A 991 19.86 -22.35 -7.46
N GLU A 992 20.69 -21.92 -8.40
CA GLU A 992 22.14 -21.88 -8.19
C GLU A 992 22.81 -20.57 -8.62
N HIS A 993 23.94 -20.66 -9.32
CA HIS A 993 24.86 -19.54 -9.59
C HIS A 993 24.25 -18.15 -9.70
N THR A 994 24.54 -17.33 -8.68
CA THR A 994 24.31 -15.90 -8.72
C THR A 994 25.53 -15.17 -8.14
N GLN A 995 25.58 -13.86 -8.27
CA GLN A 995 26.73 -13.11 -7.79
C GLN A 995 26.36 -12.27 -6.59
N LYS A 996 27.31 -12.04 -5.69
CA LYS A 996 27.03 -11.21 -4.54
C LYS A 996 26.80 -9.79 -5.04
N LEU A 997 25.78 -9.15 -4.45
CA LEU A 997 25.52 -7.77 -4.80
C LEU A 997 26.01 -6.89 -3.67
N ASP A 998 26.96 -6.04 -4.03
CA ASP A 998 27.49 -5.01 -3.10
C ASP A 998 27.05 -3.67 -3.69
N VAL A 999 25.98 -3.12 -3.12
CA VAL A 999 25.48 -1.88 -3.70
C VAL A 999 26.47 -0.72 -3.59
N CYS A 1000 27.40 -0.78 -2.63
CA CYS A 1000 28.32 0.33 -2.53
C CYS A 1000 29.32 0.44 -3.65
N HIS A 1001 29.47 -0.63 -4.45
CA HIS A 1001 30.39 -0.59 -5.57
C HIS A 1001 29.65 -0.51 -6.91
N LEU A 1002 28.35 -0.24 -6.90
CA LEU A 1002 27.65 -0.11 -8.18
C LEU A 1002 28.06 1.17 -8.90
N LEU A 1003 28.48 2.22 -8.19
CA LEU A 1003 28.94 3.45 -8.82
C LEU A 1003 30.47 3.51 -8.57
N PRO A 1004 31.21 4.10 -9.50
CA PRO A 1004 32.65 4.15 -9.29
C PRO A 1004 33.12 5.20 -8.29
N ASN A 1005 34.40 5.05 -7.97
CA ASN A 1005 35.06 5.98 -7.07
C ASN A 1005 34.46 6.06 -5.68
N VAL A 1006 34.14 4.91 -5.12
CA VAL A 1006 33.54 4.89 -3.80
C VAL A 1006 34.62 5.26 -2.74
N ALA A 1007 34.26 6.15 -1.84
CA ALA A 1007 35.15 6.64 -0.77
C ALA A 1007 34.68 6.18 0.60
N ARG A 1008 33.39 5.83 0.73
CA ARG A 1008 32.84 5.39 2.03
C ARG A 1008 31.54 4.63 1.79
N CYS A 1009 31.24 3.67 2.65
CA CYS A 1009 29.96 2.93 2.57
C CYS A 1009 29.46 2.89 4.01
N GLU A 1010 28.23 3.36 4.28
CA GLU A 1010 27.66 3.35 5.61
C GLU A 1010 26.31 2.62 5.61
N ARG A 1011 26.04 1.85 6.64
CA ARG A 1011 24.67 1.31 6.84
C ARG A 1011 23.92 2.42 7.56
N THR A 1012 22.69 2.73 7.16
CA THR A 1012 21.90 3.79 7.75
C THR A 1012 20.50 3.30 8.13
N THR A 1013 19.79 4.15 8.84
CA THR A 1013 18.37 3.92 9.02
C THR A 1013 17.71 3.89 7.61
N LEU A 1014 16.48 3.34 7.55
CA LEU A 1014 15.84 3.17 6.21
C LEU A 1014 15.49 4.46 5.49
N THR A 1015 15.42 5.58 6.23
CA THR A 1015 15.14 6.89 5.71
C THR A 1015 16.43 7.61 5.25
N PHE A 1016 17.59 6.94 5.43
CA PHE A 1016 18.95 7.45 5.11
C PHE A 1016 19.38 8.58 6.05
N LEU A 1017 18.65 8.86 7.13
CA LEU A 1017 18.93 10.05 7.93
C LEU A 1017 19.92 9.85 9.04
N GLN A 1018 20.27 8.64 9.41
CA GLN A 1018 21.29 8.44 10.45
C GLN A 1018 22.24 7.33 10.07
N ASN A 1019 23.53 7.57 10.24
CA ASN A 1019 24.52 6.54 9.94
C ASN A 1019 24.62 5.63 11.16
N LEU A 1020 24.54 4.32 10.93
CA LEU A 1020 24.58 3.34 11.98
C LEU A 1020 25.87 2.53 12.02
N GLU A 1021 26.55 2.41 10.90
CA GLU A 1021 27.77 1.56 10.85
C GLU A 1021 28.66 1.97 9.68
N HIS A 1022 29.96 2.14 9.92
CA HIS A 1022 30.93 2.47 8.87
C HIS A 1022 31.42 1.08 8.42
N LEU A 1023 31.33 0.80 7.13
CA LEU A 1023 31.60 -0.53 6.62
C LEU A 1023 32.96 -0.78 6.06
N ASP A 1024 33.56 -1.85 6.59
CA ASP A 1024 34.90 -2.27 6.18
C ASP A 1024 34.95 -2.53 4.69
N GLY A 1025 36.03 -2.04 4.11
CA GLY A 1025 36.30 -2.23 2.70
C GLY A 1025 35.28 -1.57 1.81
N MET A 1026 34.44 -0.70 2.37
CA MET A 1026 33.39 -0.02 1.62
C MET A 1026 32.48 -1.05 0.97
N VAL A 1027 32.29 -2.18 1.65
CA VAL A 1027 31.40 -3.22 1.14
C VAL A 1027 30.11 -3.29 1.94
N ALA A 1028 28.99 -3.31 1.22
CA ALA A 1028 27.67 -3.38 1.87
C ALA A 1028 27.27 -4.82 1.83
N PRO A 1029 27.15 -5.42 3.00
CA PRO A 1029 26.76 -6.85 3.03
C PRO A 1029 25.29 -7.07 2.63
N GLU A 1030 24.99 -8.23 2.09
CA GLU A 1030 23.60 -8.53 1.79
C GLU A 1030 22.89 -8.80 3.14
N VAL A 1031 21.59 -8.72 3.09
CA VAL A 1031 20.79 -8.86 4.28
C VAL A 1031 20.20 -10.26 4.41
N CYS A 1032 19.74 -10.58 5.62
CA CYS A 1032 19.13 -11.87 5.92
C CYS A 1032 17.67 -11.99 5.43
N PRO A 1033 17.15 -13.23 5.28
CA PRO A 1033 15.74 -13.37 4.87
C PRO A 1033 14.84 -12.58 5.85
N MET A 1034 13.87 -11.91 5.23
CA MET A 1034 12.87 -11.05 5.84
C MET A 1034 13.45 -9.76 6.43
N GLU A 1035 14.68 -9.48 6.16
CA GLU A 1035 15.28 -8.25 6.67
C GLU A 1035 15.38 -7.23 5.54
N THR A 1036 15.45 -5.95 5.96
CA THR A 1036 15.60 -4.81 5.06
C THR A 1036 16.69 -3.93 5.66
N ALA A 1037 17.66 -3.49 4.85
CA ALA A 1037 18.73 -2.62 5.33
C ALA A 1037 18.89 -1.49 4.35
N ALA A 1038 19.50 -0.41 4.79
CA ALA A 1038 19.76 0.71 3.93
C ALA A 1038 21.26 1.02 3.98
N TYR A 1039 21.77 1.43 2.83
CA TYR A 1039 23.20 1.75 2.73
C TYR A 1039 23.35 3.01 1.95
N VAL A 1040 24.36 3.82 2.29
CA VAL A 1040 24.66 5.03 1.51
C VAL A 1040 26.13 4.93 1.10
N SER A 1041 26.40 5.01 -0.21
CA SER A 1041 27.76 5.06 -0.71
C SER A 1041 28.11 6.52 -1.03
N SER A 1042 29.34 6.90 -0.69
CA SER A 1042 29.85 8.27 -0.92
C SER A 1042 30.95 8.15 -1.99
N HIS A 1043 30.97 9.12 -2.89
CA HIS A 1043 31.80 9.05 -4.09
C HIS A 1043 32.50 10.37 -4.27
N SER A 1044 33.79 10.28 -4.59
CA SER A 1044 34.52 11.52 -4.72
C SER A 1044 34.58 12.05 -6.12
C1 NAG B . 20.75 20.14 15.55
C2 NAG B . 21.58 21.37 15.89
C3 NAG B . 22.89 20.98 16.55
C4 NAG B . 22.61 20.13 17.77
C5 NAG B . 21.75 18.93 17.37
C6 NAG B . 21.35 18.06 18.55
C7 NAG B . 21.14 23.23 14.45
C8 NAG B . 20.77 24.12 15.64
N2 NAG B . 21.86 22.14 14.69
O3 NAG B . 23.58 22.16 16.91
O4 NAG B . 23.84 19.67 18.31
O5 NAG B . 20.52 19.38 16.73
O6 NAG B . 20.27 17.20 18.22
O7 NAG B . 20.77 23.55 13.31
ZN ZN C . -8.37 10.98 9.63
C1 SWA D . -12.10 8.52 8.32
O1 SWA D . -12.38 8.57 6.93
C3 SWA D . -12.27 9.90 8.90
N4 SWA D . -12.03 9.81 10.35
C5 SWA D . -13.04 8.95 11.02
C6 SWA D . -12.85 7.57 10.43
C2 SWA D . -13.08 7.53 8.93
C9 SWA D . -12.12 11.23 10.73
C8 SWA D . -11.35 11.91 9.61
O13 SWA D . -10.04 12.22 10.13
C7 SWA D . -11.31 10.98 8.41
O11 SWA D . -9.98 10.50 8.21
C1 MRD E . -21.87 2.03 21.68
C2 MRD E . -20.83 2.99 21.21
O2 MRD E . -19.53 2.27 21.19
CM MRD E . -21.20 3.41 19.76
C3 MRD E . -20.84 4.17 22.21
C4 MRD E . -19.82 5.26 22.04
O4 MRD E . -19.56 5.81 23.35
C5 MRD E . -20.38 6.38 21.15
#